data_4B85
#
_entry.id   4B85
#
_cell.length_a   79.527
_cell.length_b   112.892
_cell.length_c   226.496
_cell.angle_alpha   90.00
_cell.angle_beta   90.00
_cell.angle_gamma   90.00
#
_symmetry.space_group_name_H-M   'P 21 21 21'
#
loop_
_entity.id
_entity.type
_entity.pdbx_description
1 polymer ACETYLCHOLINESTERASE
2 non-polymer 4-chloranyl-N-[2-(diethylamino)ethyl]benzenesulfonamide
3 non-polymer 'SULFATE ION'
4 non-polymer DI(HYDROXYETHYL)ETHER
5 non-polymer 2-acetamido-2-deoxy-beta-D-glucopyranose
6 non-polymer 'HEXAETHYLENE GLYCOL'
7 water water
#
_entity_poly.entity_id   1
_entity_poly.type   'polypeptide(L)'
_entity_poly.pdbx_seq_one_letter_code
;EGREDPQLLVRVRGGQLRGIRLKAPGGPVSAFLGIPFAEPPVGSRRFMPPEPKRPWSGVLDATTFQNVCYQYVDTLYPGF
EGTEMWNPNRELSEDCLYLNVWTPYPRPASPTPVLIWIYGGGFYSGAASLDVYDGRFLAQVEGAVLVSMNYRVGTFGFLA
LPGSREAPGNVGLLDQRLALQWVQENIAAFGGDPMSVTLFGESAGAASVGMHILSLPSRSLFHRAVLQSGTPNGPWATVS
AGEARRRATLLARLVGCPPGGAGGNDTELIACLRTRPAQDLVDHEWHVLPQESIFRFSFVPVVDGDFLSDTPEALINTGD
FQDLQVLVGVVKDEGSYFLVYGVPGFSKDNESLISRAQFLAGVRIGVPQASDLAAEAVVLHYTDWLHPEDPTHLRDAMSA
VVGDHNVVCPVAQLAGRLAAQGARVYAYIFEHRASTLTWPLWMGVPHGYEIEFIFGLPLDPSLNYTTEERIFAQRLMKYW
TNFARTGDPNDPRDSKSPQWPPYTTAAQQYVSLNLKPLEVRRGLRAQTCAFWNRFLPKLLSATATEAP
;
_entity_poly.pdbx_strand_id   A,B
#
# COMPACT_ATOMS: atom_id res chain seq x y z
N GLU A 1 -8.68 67.74 -11.15
CA GLU A 1 -9.80 67.02 -11.75
C GLU A 1 -10.84 67.99 -12.30
N GLY A 2 -11.81 67.46 -13.03
CA GLY A 2 -12.87 68.29 -13.61
C GLY A 2 -13.54 67.58 -14.78
N ARG A 3 -12.72 66.97 -15.62
CA ARG A 3 -13.23 66.38 -16.85
C ARG A 3 -13.01 64.86 -16.95
N GLU A 4 -12.66 64.23 -15.84
CA GLU A 4 -12.43 62.79 -15.82
C GLU A 4 -13.65 62.04 -15.37
N ASP A 5 -13.66 60.73 -15.64
CA ASP A 5 -14.68 59.83 -15.12
C ASP A 5 -14.70 59.92 -13.59
N PRO A 6 -15.79 60.46 -13.02
CA PRO A 6 -15.91 60.60 -11.56
C PRO A 6 -15.89 59.25 -10.82
N GLN A 7 -16.22 58.16 -11.49
CA GLN A 7 -16.18 56.83 -10.87
C GLN A 7 -14.77 56.29 -10.68
N LEU A 8 -13.76 56.96 -11.24
CA LEU A 8 -12.39 56.45 -11.22
C LEU A 8 -11.47 57.20 -10.26
N LEU A 9 -12.06 58.10 -9.47
CA LEU A 9 -11.28 58.89 -8.52
C LEU A 9 -11.62 58.44 -7.11
N VAL A 10 -10.61 57.94 -6.41
CA VAL A 10 -10.79 57.35 -5.09
C VAL A 10 -9.64 57.81 -4.18
N ARG A 11 -9.95 58.08 -2.91
CA ARG A 11 -8.90 58.41 -1.94
C ARG A 11 -8.66 57.25 -0.99
N VAL A 12 -7.39 56.97 -0.70
CA VAL A 12 -7.05 55.97 0.32
C VAL A 12 -6.13 56.64 1.33
N ARG A 13 -5.73 55.92 2.38
CA ARG A 13 -4.96 56.50 3.48
C ARG A 13 -3.72 57.26 3.01
N GLY A 14 -3.06 56.75 1.98
CA GLY A 14 -1.86 57.37 1.45
C GLY A 14 -2.09 58.51 0.47
N GLY A 15 -3.33 58.65 -0.02
CA GLY A 15 -3.61 59.70 -0.97
C GLY A 15 -4.62 59.38 -2.05
N GLN A 16 -4.69 60.23 -3.07
CA GLN A 16 -5.66 60.10 -4.14
C GLN A 16 -5.16 59.19 -5.25
N LEU A 17 -6.08 58.42 -5.83
CA LEU A 17 -5.78 57.48 -6.91
C LEU A 17 -6.69 57.75 -8.09
N ARG A 18 -6.16 57.54 -9.30
CA ARG A 18 -6.98 57.51 -10.51
C ARG A 18 -6.91 56.11 -11.12
N GLY A 19 -8.05 55.44 -11.18
CA GLY A 19 -8.11 54.12 -11.77
C GLY A 19 -8.44 54.17 -13.24
N ILE A 20 -8.74 53.00 -13.79
CA ILE A 20 -9.09 52.88 -15.21
C ILE A 20 -10.35 52.05 -15.37
N ARG A 21 -11.18 52.44 -16.34
CA ARG A 21 -12.41 51.69 -16.65
C ARG A 21 -12.03 50.63 -17.66
N LEU A 22 -12.21 49.36 -17.30
CA LEU A 22 -11.85 48.28 -18.22
C LEU A 22 -13.10 47.66 -18.80
N LYS A 23 -12.97 47.01 -19.95
CA LYS A 23 -14.08 46.25 -20.53
C LYS A 23 -13.96 44.78 -20.19
N ALA A 24 -15.03 44.23 -19.63
CA ALA A 24 -15.19 42.78 -19.47
C ALA A 24 -16.27 42.41 -20.48
N PRO A 25 -16.43 41.11 -20.79
CA PRO A 25 -17.40 40.74 -21.84
C PRO A 25 -18.83 41.19 -21.54
N GLY A 26 -19.23 41.19 -20.28
CA GLY A 26 -20.58 41.57 -19.91
C GLY A 26 -20.78 43.04 -19.53
N GLY A 27 -19.71 43.84 -19.61
CA GLY A 27 -19.80 45.25 -19.23
C GLY A 27 -18.51 45.77 -18.60
N PRO A 28 -18.50 47.05 -18.20
CA PRO A 28 -17.27 47.66 -17.68
C PRO A 28 -16.97 47.26 -16.23
N VAL A 29 -15.70 47.41 -15.82
CA VAL A 29 -15.28 47.24 -14.43
C VAL A 29 -14.27 48.33 -14.10
N SER A 30 -14.12 48.64 -12.81
CA SER A 30 -13.10 49.61 -12.40
C SER A 30 -11.85 48.84 -11.97
N ALA A 31 -10.69 49.30 -12.41
CA ALA A 31 -9.44 48.72 -11.95
C ALA A 31 -8.53 49.79 -11.40
N PHE A 32 -7.92 49.50 -10.25
CA PHE A 32 -6.92 50.38 -9.66
C PHE A 32 -5.66 49.54 -9.49
N LEU A 33 -4.72 49.72 -10.40
CA LEU A 33 -3.56 48.83 -10.52
C LEU A 33 -2.28 49.54 -10.11
N GLY A 34 -1.39 48.82 -9.44
CA GLY A 34 -0.10 49.37 -9.03
C GLY A 34 -0.22 50.40 -7.92
N ILE A 35 -1.10 50.12 -6.96
CA ILE A 35 -1.17 50.95 -5.74
C ILE A 35 -0.06 50.54 -4.78
N PRO A 36 0.82 51.50 -4.40
CA PRO A 36 1.93 51.16 -3.49
C PRO A 36 1.44 50.90 -2.08
N PHE A 37 1.89 49.83 -1.43
CA PHE A 37 1.42 49.61 -0.07
C PHE A 37 2.55 49.57 0.94
N ALA A 38 3.78 49.66 0.44
CA ALA A 38 4.96 49.68 1.30
C ALA A 38 5.98 50.63 0.72
N GLU A 39 6.92 51.07 1.56
CA GLU A 39 8.09 51.75 1.04
C GLU A 39 8.89 50.73 0.24
N PRO A 40 9.52 51.18 -0.86
CA PRO A 40 10.30 50.26 -1.69
C PRO A 40 11.40 49.57 -0.89
N PRO A 41 11.36 48.23 -0.85
CA PRO A 41 12.29 47.46 -0.02
C PRO A 41 13.67 47.37 -0.68
N VAL A 42 14.29 48.51 -0.92
CA VAL A 42 15.53 48.58 -1.66
C VAL A 42 16.69 49.06 -0.78
N GLY A 43 17.91 48.84 -1.25
CA GLY A 43 19.09 49.30 -0.53
C GLY A 43 19.16 48.74 0.87
N SER A 44 19.16 49.62 1.87
CA SER A 44 19.24 49.20 3.27
C SER A 44 17.99 48.45 3.73
N ARG A 45 16.91 48.52 2.94
CA ARG A 45 15.67 47.84 3.28
CA ARG A 45 15.68 47.83 3.28
C ARG A 45 15.63 46.40 2.73
N ARG A 46 16.62 46.03 1.93
CA ARG A 46 16.67 44.65 1.41
C ARG A 46 16.76 43.66 2.57
N PHE A 47 15.96 42.60 2.52
CA PHE A 47 15.85 41.56 3.56
C PHE A 47 15.07 41.96 4.82
N MET A 48 14.68 43.24 4.92
CA MET A 48 13.95 43.76 6.08
C MET A 48 12.43 43.68 5.93
N PRO A 49 11.71 43.62 7.06
CA PRO A 49 10.25 43.70 7.03
C PRO A 49 9.80 44.93 6.26
N PRO A 50 8.62 44.88 5.63
CA PRO A 50 8.18 46.03 4.85
C PRO A 50 7.75 47.16 5.76
N GLU A 51 8.01 48.39 5.37
CA GLU A 51 7.45 49.54 6.08
C GLU A 51 6.28 50.09 5.28
N PRO A 52 5.22 50.51 5.97
CA PRO A 52 4.03 51.07 5.31
C PRO A 52 4.39 52.24 4.39
N LYS A 53 3.75 52.31 3.23
CA LYS A 53 3.98 53.37 2.26
C LYS A 53 3.65 54.72 2.89
N ARG A 54 4.54 55.70 2.76
CA ARG A 54 4.25 57.03 3.28
C ARG A 54 3.36 57.76 2.28
N PRO A 55 2.45 58.61 2.78
CA PRO A 55 1.49 59.30 1.91
C PRO A 55 2.17 60.04 0.75
N TRP A 56 1.51 60.08 -0.40
CA TRP A 56 2.05 60.78 -1.57
C TRP A 56 1.24 62.04 -1.83
N SER A 57 1.74 62.93 -2.69
CA SER A 57 1.01 64.16 -2.99
C SER A 57 0.41 64.07 -4.39
N GLY A 58 -0.71 64.74 -4.60
CA GLY A 58 -1.37 64.70 -5.90
C GLY A 58 -2.10 63.39 -6.17
N VAL A 59 -2.49 63.19 -7.42
CA VAL A 59 -3.24 62.00 -7.80
C VAL A 59 -2.28 60.96 -8.38
N LEU A 60 -2.20 59.81 -7.72
CA LEU A 60 -1.35 58.73 -8.22
C LEU A 60 -2.07 58.01 -9.35
N ASP A 61 -1.40 57.86 -10.49
CA ASP A 61 -2.00 57.13 -11.59
C ASP A 61 -1.96 55.62 -11.29
N ALA A 62 -3.15 55.03 -11.19
CA ALA A 62 -3.26 53.61 -10.88
C ALA A 62 -3.89 52.89 -12.06
N THR A 63 -3.35 53.11 -13.25
CA THR A 63 -3.97 52.58 -14.46
C THR A 63 -3.14 51.48 -15.13
N THR A 64 -1.97 51.19 -14.60
CA THR A 64 -1.17 50.07 -15.14
C THR A 64 -0.54 49.24 -14.04
N PHE A 65 -0.23 47.99 -14.36
CA PHE A 65 0.46 47.14 -13.40
C PHE A 65 1.85 47.69 -13.11
N GLN A 66 2.27 47.56 -11.86
CA GLN A 66 3.61 47.98 -11.46
C GLN A 66 4.63 46.86 -11.69
N ASN A 67 5.88 47.09 -11.24
CA ASN A 67 6.97 46.13 -11.48
C ASN A 67 6.71 44.78 -10.83
N VAL A 68 7.28 43.74 -11.41
CA VAL A 68 7.30 42.42 -10.80
C VAL A 68 8.49 42.31 -9.84
N CYS A 69 8.31 41.62 -8.71
CA CYS A 69 9.41 41.43 -7.77
C CYS A 69 10.56 40.67 -8.42
N TYR A 70 11.78 41.11 -8.15
CA TYR A 70 12.95 40.55 -8.80
C TYR A 70 12.99 39.04 -8.58
N GLN A 71 13.21 38.28 -9.66
CA GLN A 71 13.06 36.83 -9.56
C GLN A 71 13.71 36.09 -10.69
N TYR A 72 14.03 34.83 -10.42
CA TYR A 72 14.53 33.92 -11.42
C TYR A 72 13.45 33.72 -12.47
N VAL A 73 13.86 33.69 -13.74
CA VAL A 73 12.91 33.47 -14.83
C VAL A 73 13.15 32.09 -15.46
N ASP A 74 12.09 31.29 -15.49
CA ASP A 74 12.17 29.94 -16.02
C ASP A 74 12.61 29.90 -17.49
N THR A 75 13.59 29.04 -17.78
CA THR A 75 14.15 28.92 -19.14
C THR A 75 13.64 27.71 -19.92
N LEU A 76 12.77 26.92 -19.29
CA LEU A 76 12.17 25.77 -19.96
C LEU A 76 11.21 26.21 -21.06
N TYR A 77 11.45 25.72 -22.27
CA TYR A 77 10.61 25.96 -23.44
C TYR A 77 10.31 27.42 -23.75
N PRO A 78 11.32 28.17 -24.21
CA PRO A 78 11.13 29.57 -24.65
C PRO A 78 10.12 29.73 -25.78
N GLY A 79 9.19 30.69 -25.63
CA GLY A 79 8.22 30.97 -26.67
C GLY A 79 6.97 30.11 -26.53
N PHE A 80 7.04 29.13 -25.66
CA PHE A 80 5.96 28.17 -25.45
C PHE A 80 4.96 28.77 -24.48
N GLU A 81 3.70 28.82 -24.89
CA GLU A 81 2.65 29.40 -24.07
C GLU A 81 2.52 28.72 -22.70
N GLY A 82 2.73 27.41 -22.65
CA GLY A 82 2.55 26.66 -21.43
C GLY A 82 3.44 27.13 -20.31
N THR A 83 4.64 27.59 -20.65
CA THR A 83 5.56 28.16 -19.65
C THR A 83 5.48 29.68 -19.58
N GLU A 84 5.37 30.34 -20.72
CA GLU A 84 5.41 31.79 -20.78
C GLU A 84 4.29 32.46 -19.99
N MET A 85 3.14 31.78 -19.89
CA MET A 85 2.00 32.32 -19.16
C MET A 85 2.31 32.56 -17.68
N TRP A 86 3.36 31.92 -17.18
CA TRP A 86 3.73 32.07 -15.77
C TRP A 86 4.86 33.07 -15.57
N ASN A 87 5.51 33.47 -16.66
CA ASN A 87 6.68 34.35 -16.58
C ASN A 87 6.30 35.80 -16.30
N PRO A 88 7.22 36.57 -15.68
CA PRO A 88 6.94 37.99 -15.39
C PRO A 88 6.52 38.74 -16.64
N ASN A 89 5.51 39.60 -16.53
CA ASN A 89 5.04 40.34 -17.69
C ASN A 89 5.19 41.85 -17.52
N ARG A 90 5.96 42.26 -16.51
CA ARG A 90 6.38 43.65 -16.34
CA ARG A 90 6.36 43.65 -16.29
C ARG A 90 7.84 43.64 -15.89
N GLU A 91 8.44 44.82 -15.86
CA GLU A 91 9.86 44.96 -15.51
C GLU A 91 10.18 44.33 -14.15
N LEU A 92 11.27 43.57 -14.06
CA LEU A 92 11.70 43.03 -12.76
C LEU A 92 12.38 44.15 -11.99
N SER A 93 11.96 44.35 -10.74
CA SER A 93 12.60 45.33 -9.88
C SER A 93 12.46 44.93 -8.42
N GLU A 94 13.37 45.37 -7.56
CA GLU A 94 13.17 45.18 -6.11
C GLU A 94 12.10 46.13 -5.59
N ASP A 95 11.86 47.19 -6.36
CA ASP A 95 10.78 48.13 -6.05
C ASP A 95 9.51 47.55 -6.69
N CYS A 96 8.79 46.74 -5.92
CA CYS A 96 7.70 45.92 -6.46
C CYS A 96 6.53 45.74 -5.52
N LEU A 97 6.55 46.42 -4.37
CA LEU A 97 5.48 46.25 -3.41
C LEU A 97 4.22 47.08 -3.73
N TYR A 98 3.44 46.58 -4.68
CA TYR A 98 2.23 47.26 -5.16
C TYR A 98 1.09 46.26 -5.18
N LEU A 99 -0.14 46.75 -5.08
CA LEU A 99 -1.29 45.84 -5.16
C LEU A 99 -2.32 46.37 -6.15
N ASN A 100 -3.30 45.53 -6.46
CA ASN A 100 -4.27 45.83 -7.49
C ASN A 100 -5.67 45.59 -6.96
N VAL A 101 -6.62 46.41 -7.40
CA VAL A 101 -8.02 46.28 -6.98
C VAL A 101 -8.97 46.30 -8.18
N TRP A 102 -9.83 45.29 -8.30
CA TRP A 102 -10.90 45.34 -9.29
C TRP A 102 -12.24 45.42 -8.57
N THR A 103 -13.13 46.27 -9.07
CA THR A 103 -14.47 46.42 -8.51
C THR A 103 -15.46 46.55 -9.65
N PRO A 104 -16.76 46.32 -9.38
CA PRO A 104 -17.78 46.60 -10.39
C PRO A 104 -17.78 48.08 -10.80
N TYR A 105 -18.36 48.38 -11.96
CA TYR A 105 -18.48 49.75 -12.44
C TYR A 105 -19.94 49.94 -12.82
N PRO A 106 -20.62 50.90 -12.17
CA PRO A 106 -20.08 51.73 -11.08
C PRO A 106 -19.87 50.94 -9.80
N ARG A 107 -19.15 51.51 -8.84
CA ARG A 107 -18.85 50.78 -7.60
C ARG A 107 -20.14 50.55 -6.82
N PRO A 108 -20.24 49.38 -6.17
CA PRO A 108 -21.45 49.02 -5.41
C PRO A 108 -21.70 49.99 -4.26
N ALA A 109 -22.96 50.29 -3.97
CA ALA A 109 -23.29 51.17 -2.85
C ALA A 109 -23.31 50.40 -1.53
N SER A 110 -23.79 49.17 -1.57
CA SER A 110 -23.71 48.28 -0.41
C SER A 110 -22.32 47.61 -0.33
N PRO A 111 -21.77 47.46 0.89
CA PRO A 111 -20.45 46.86 1.08
C PRO A 111 -20.37 45.43 0.55
N THR A 112 -19.34 45.15 -0.24
CA THR A 112 -19.22 43.89 -0.98
C THR A 112 -18.08 43.02 -0.44
N PRO A 113 -18.34 41.70 -0.31
CA PRO A 113 -17.31 40.74 0.08
C PRO A 113 -16.06 40.86 -0.79
N VAL A 114 -14.91 40.75 -0.14
CA VAL A 114 -13.62 40.96 -0.79
C VAL A 114 -12.90 39.63 -0.96
N LEU A 115 -12.37 39.37 -2.15
CA LEU A 115 -11.48 38.23 -2.38
C LEU A 115 -10.06 38.74 -2.58
N ILE A 116 -9.11 38.15 -1.86
CA ILE A 116 -7.71 38.54 -2.01
C ILE A 116 -6.91 37.37 -2.54
N TRP A 117 -6.35 37.54 -3.74
CA TRP A 117 -5.52 36.51 -4.37
C TRP A 117 -4.07 36.59 -3.94
N ILE A 118 -3.49 35.46 -3.56
CA ILE A 118 -2.05 35.38 -3.32
C ILE A 118 -1.46 34.37 -4.30
N TYR A 119 -0.63 34.85 -5.23
CA TYR A 119 -0.11 33.97 -6.28
C TYR A 119 0.89 32.96 -5.74
N GLY A 120 1.03 31.85 -6.48
CA GLY A 120 2.06 30.88 -6.21
C GLY A 120 3.26 31.08 -7.14
N GLY A 121 4.10 30.06 -7.19
CA GLY A 121 5.37 30.13 -7.89
C GLY A 121 6.53 29.71 -7.00
N GLY A 122 6.27 28.77 -6.09
CA GLY A 122 7.33 28.13 -5.32
C GLY A 122 8.07 29.06 -4.36
N PHE A 123 7.47 30.22 -4.08
CA PHE A 123 8.11 31.27 -3.28
C PHE A 123 9.36 31.86 -3.95
N TYR A 124 9.63 31.53 -5.22
CA TYR A 124 10.78 32.11 -5.92
C TYR A 124 10.32 32.94 -7.12
N SER A 125 9.02 32.95 -7.39
CA SER A 125 8.52 33.62 -8.58
C SER A 125 7.05 33.98 -8.48
N GLY A 126 6.52 34.64 -9.52
CA GLY A 126 5.11 34.97 -9.59
C GLY A 126 4.89 36.48 -9.61
N ALA A 127 3.67 36.87 -9.92
CA ALA A 127 3.32 38.29 -10.04
C ALA A 127 1.81 38.41 -10.05
N ALA A 128 1.30 39.48 -9.44
CA ALA A 128 -0.14 39.64 -9.43
C ALA A 128 -0.65 40.11 -10.79
N SER A 129 0.28 40.42 -11.70
CA SER A 129 -0.11 40.99 -13.00
C SER A 129 -0.31 39.98 -14.13
N LEU A 130 -0.14 38.68 -13.86
CA LEU A 130 -0.32 37.69 -14.93
C LEU A 130 -1.74 37.66 -15.44
N ASP A 131 -1.90 37.39 -16.74
CA ASP A 131 -3.21 37.32 -17.37
C ASP A 131 -4.14 36.34 -16.65
N VAL A 132 -3.61 35.23 -16.16
CA VAL A 132 -4.48 34.23 -15.53
C VAL A 132 -5.05 34.67 -14.20
N TYR A 133 -4.55 35.77 -13.66
CA TYR A 133 -5.04 36.28 -12.37
C TYR A 133 -5.85 37.57 -12.58
N ASP A 134 -6.27 37.81 -13.82
CA ASP A 134 -7.08 38.98 -14.18
C ASP A 134 -8.41 39.00 -13.41
N GLY A 135 -8.56 39.97 -12.50
CA GLY A 135 -9.75 40.03 -11.64
C GLY A 135 -11.02 40.57 -12.28
N ARG A 136 -10.96 40.99 -13.54
CA ARG A 136 -12.12 41.69 -14.14
C ARG A 136 -13.38 40.83 -14.25
N PHE A 137 -13.24 39.53 -14.48
CA PHE A 137 -14.41 38.67 -14.70
C PHE A 137 -15.16 38.38 -13.39
N LEU A 138 -14.43 38.10 -12.32
CA LEU A 138 -15.07 37.93 -11.01
C LEU A 138 -15.77 39.22 -10.57
N ALA A 139 -15.11 40.36 -10.81
CA ALA A 139 -15.70 41.67 -10.50
C ALA A 139 -16.96 41.93 -11.34
N GLN A 140 -16.87 41.75 -12.66
CA GLN A 140 -18.03 42.01 -13.51
C GLN A 140 -19.18 41.02 -13.28
N VAL A 141 -18.89 39.71 -13.36
CA VAL A 141 -19.94 38.70 -13.31
C VAL A 141 -20.49 38.46 -11.90
N GLU A 142 -19.62 38.37 -10.91
CA GLU A 142 -20.07 38.09 -9.55
C GLU A 142 -20.16 39.32 -8.67
N GLY A 143 -19.75 40.47 -9.20
CA GLY A 143 -19.80 41.69 -8.43
C GLY A 143 -18.84 41.74 -7.27
N ALA A 144 -17.80 40.90 -7.33
CA ALA A 144 -16.81 40.83 -6.25
C ALA A 144 -15.89 42.04 -6.26
N VAL A 145 -15.35 42.38 -5.09
CA VAL A 145 -14.19 43.26 -5.05
C VAL A 145 -12.96 42.33 -4.95
N LEU A 146 -12.08 42.40 -5.94
CA LEU A 146 -10.92 41.51 -5.95
C LEU A 146 -9.63 42.31 -5.76
N VAL A 147 -8.79 41.84 -4.83
CA VAL A 147 -7.48 42.44 -4.57
C VAL A 147 -6.37 41.40 -4.78
N SER A 148 -5.25 41.81 -5.40
CA SER A 148 -4.06 40.95 -5.44
C SER A 148 -2.83 41.80 -5.18
N MET A 149 -1.85 41.22 -4.48
CA MET A 149 -0.64 41.99 -4.16
C MET A 149 0.60 41.30 -4.67
N ASN A 150 1.63 42.09 -4.97
CA ASN A 150 2.96 41.53 -5.17
C ASN A 150 3.60 41.36 -3.80
N TYR A 151 4.39 40.31 -3.63
CA TYR A 151 5.19 40.15 -2.42
C TYR A 151 6.56 39.64 -2.84
N ARG A 152 7.59 39.96 -2.05
CA ARG A 152 8.95 39.57 -2.42
C ARG A 152 9.15 38.06 -2.42
N VAL A 153 9.90 37.57 -3.39
CA VAL A 153 10.15 36.15 -3.51
C VAL A 153 11.65 35.90 -3.54
N GLY A 154 12.03 34.63 -3.56
CA GLY A 154 13.44 34.23 -3.62
C GLY A 154 14.18 34.76 -2.40
N THR A 155 15.46 35.09 -2.59
CA THR A 155 16.26 35.65 -1.50
C THR A 155 15.65 36.95 -0.94
N PHE A 156 15.12 37.79 -1.82
CA PHE A 156 14.60 39.07 -1.38
C PHE A 156 13.44 38.90 -0.40
N GLY A 157 12.68 37.83 -0.56
CA GLY A 157 11.53 37.61 0.30
C GLY A 157 11.79 36.65 1.45
N PHE A 158 12.78 35.76 1.29
CA PHE A 158 12.89 34.65 2.24
C PHE A 158 14.30 34.29 2.72
N LEU A 159 15.32 34.97 2.21
CA LEU A 159 16.65 34.73 2.75
C LEU A 159 16.62 35.14 4.22
N ALA A 160 17.06 34.23 5.09
CA ALA A 160 16.98 34.46 6.51
C ALA A 160 18.24 34.04 7.25
N LEU A 161 18.70 34.90 8.16
CA LEU A 161 19.63 34.49 9.21
C LEU A 161 18.85 34.57 10.53
N PRO A 162 18.21 33.46 10.91
CA PRO A 162 17.21 33.51 11.98
C PRO A 162 17.81 34.04 13.29
N GLY A 163 17.11 34.96 13.93
CA GLY A 163 17.62 35.59 15.13
C GLY A 163 18.26 36.95 14.88
N SER A 164 18.69 37.20 13.63
CA SER A 164 19.32 38.48 13.30
C SER A 164 18.31 39.59 13.20
N ARG A 165 18.79 40.81 13.31
CA ARG A 165 17.93 41.98 13.15
C ARG A 165 17.80 42.32 11.67
N GLU A 166 18.86 42.08 10.90
CA GLU A 166 18.94 42.56 9.53
C GLU A 166 18.34 41.61 8.46
N ALA A 167 18.07 40.37 8.85
CA ALA A 167 17.43 39.39 7.95
C ALA A 167 16.65 38.37 8.75
N PRO A 168 15.50 38.78 9.31
CA PRO A 168 14.79 37.94 10.28
C PRO A 168 14.03 36.78 9.64
N GLY A 169 13.84 36.80 8.31
CA GLY A 169 13.12 35.74 7.65
C GLY A 169 11.65 36.08 7.43
N ASN A 170 11.00 35.37 6.52
CA ASN A 170 9.57 35.52 6.29
C ASN A 170 9.10 36.91 5.81
N VAL A 171 9.99 37.75 5.28
CA VAL A 171 9.55 39.11 4.95
C VAL A 171 8.54 39.14 3.79
N GLY A 172 8.59 38.14 2.91
CA GLY A 172 7.61 38.04 1.84
C GLY A 172 6.21 37.81 2.40
N LEU A 173 6.13 37.03 3.47
CA LEU A 173 4.86 36.83 4.17
C LEU A 173 4.42 38.10 4.90
N LEU A 174 5.39 38.85 5.39
CA LEU A 174 5.08 40.14 6.01
C LEU A 174 4.60 41.14 4.96
N ASP A 175 5.10 41.06 3.73
CA ASP A 175 4.56 41.87 2.63
C ASP A 175 3.09 41.56 2.42
N GLN A 176 2.74 40.27 2.35
CA GLN A 176 1.35 39.86 2.20
C GLN A 176 0.49 40.41 3.34
N ARG A 177 0.97 40.26 4.57
CA ARG A 177 0.24 40.73 5.75
C ARG A 177 0.00 42.24 5.68
N LEU A 178 1.02 43.00 5.28
CA LEU A 178 0.88 44.45 5.13
C LEU A 178 -0.22 44.80 4.13
N ALA A 179 -0.30 44.04 3.03
CA ALA A 179 -1.37 44.24 2.06
C ALA A 179 -2.75 43.90 2.65
N LEU A 180 -2.82 42.86 3.48
CA LEU A 180 -4.07 42.54 4.17
C LEU A 180 -4.47 43.69 5.10
N GLN A 181 -3.49 44.30 5.78
CA GLN A 181 -3.77 45.44 6.66
C GLN A 181 -4.20 46.64 5.84
N TRP A 182 -3.62 46.79 4.65
CA TRP A 182 -4.02 47.87 3.76
C TRP A 182 -5.48 47.71 3.35
N VAL A 183 -5.90 46.48 3.06
CA VAL A 183 -7.29 46.19 2.73
C VAL A 183 -8.23 46.53 3.89
N GLN A 184 -7.87 46.11 5.10
CA GLN A 184 -8.68 46.43 6.27
C GLN A 184 -8.96 47.94 6.38
N GLU A 185 -7.93 48.76 6.18
CA GLU A 185 -8.10 50.19 6.36
C GLU A 185 -8.78 50.87 5.17
N ASN A 186 -8.52 50.37 3.96
CA ASN A 186 -8.84 51.14 2.75
C ASN A 186 -9.92 50.60 1.83
N ILE A 187 -10.25 49.30 1.94
CA ILE A 187 -11.08 48.68 0.90
C ILE A 187 -12.51 49.25 0.88
N ALA A 188 -12.92 49.84 2.00
CA ALA A 188 -14.24 50.48 2.05
C ALA A 188 -14.37 51.63 1.06
N ALA A 189 -13.26 52.30 0.75
CA ALA A 189 -13.28 53.38 -0.24
C ALA A 189 -13.66 52.88 -1.63
N PHE A 190 -13.53 51.57 -1.84
CA PHE A 190 -13.81 50.97 -3.15
C PHE A 190 -15.13 50.21 -3.12
N GLY A 191 -15.83 50.27 -2.00
CA GLY A 191 -17.09 49.56 -1.86
C GLY A 191 -16.94 48.15 -1.31
N GLY A 192 -15.72 47.78 -0.91
CA GLY A 192 -15.49 46.47 -0.35
C GLY A 192 -15.80 46.43 1.15
N ASP A 193 -16.21 45.25 1.63
CA ASP A 193 -16.51 45.05 3.04
C ASP A 193 -15.31 44.46 3.80
N PRO A 194 -14.62 45.27 4.64
CA PRO A 194 -13.46 44.73 5.35
C PRO A 194 -13.82 43.64 6.37
N MET A 195 -15.11 43.48 6.66
CA MET A 195 -15.56 42.47 7.62
CA MET A 195 -15.54 42.46 7.61
C MET A 195 -15.95 41.15 6.92
N SER A 196 -15.79 41.12 5.60
CA SER A 196 -15.95 39.87 4.84
C SER A 196 -14.81 39.74 3.83
N VAL A 197 -13.69 39.21 4.31
CA VAL A 197 -12.50 39.09 3.48
C VAL A 197 -12.08 37.63 3.35
N THR A 198 -12.04 37.12 2.13
CA THR A 198 -11.64 35.74 1.87
C THR A 198 -10.29 35.70 1.17
N LEU A 199 -9.31 35.00 1.75
CA LEU A 199 -8.05 34.76 1.04
C LEU A 199 -8.16 33.56 0.12
N PHE A 200 -7.62 33.67 -1.09
CA PHE A 200 -7.41 32.47 -1.90
C PHE A 200 -6.07 32.51 -2.62
N GLY A 201 -5.51 31.33 -2.85
CA GLY A 201 -4.22 31.23 -3.49
C GLY A 201 -3.96 29.82 -3.98
N GLU A 202 -2.99 29.69 -4.88
CA GLU A 202 -2.68 28.40 -5.46
C GLU A 202 -1.19 28.09 -5.23
N SER A 203 -0.89 26.83 -4.94
CA SER A 203 0.47 26.36 -4.75
C SER A 203 1.16 27.11 -3.58
N ALA A 204 2.26 27.80 -3.85
CA ALA A 204 2.90 28.57 -2.76
C ALA A 204 1.99 29.70 -2.20
N GLY A 205 1.07 30.18 -3.04
CA GLY A 205 0.07 31.14 -2.59
C GLY A 205 -0.88 30.50 -1.60
N ALA A 206 -1.23 29.24 -1.87
CA ALA A 206 -2.06 28.46 -0.94
C ALA A 206 -1.29 28.18 0.34
N ALA A 207 -0.03 27.77 0.22
CA ALA A 207 0.84 27.62 1.39
C ALA A 207 0.81 28.91 2.18
N SER A 208 0.92 30.03 1.47
CA SER A 208 0.90 31.35 2.12
C SER A 208 -0.42 31.56 2.89
N VAL A 209 -1.55 31.29 2.25
CA VAL A 209 -2.86 31.44 2.89
C VAL A 209 -2.88 30.62 4.17
N GLY A 210 -2.29 29.43 4.10
CA GLY A 210 -2.14 28.57 5.25
C GLY A 210 -1.32 29.16 6.37
N MET A 211 -0.24 29.87 6.05
CA MET A 211 0.54 30.42 7.14
CA MET A 211 0.61 30.54 7.04
C MET A 211 -0.16 31.61 7.82
N HIS A 212 -0.97 32.36 7.08
CA HIS A 212 -1.77 33.42 7.71
C HIS A 212 -2.80 32.83 8.64
N ILE A 213 -3.34 31.67 8.30
CA ILE A 213 -4.25 30.96 9.20
C ILE A 213 -3.50 30.58 10.48
N LEU A 214 -2.23 30.20 10.35
CA LEU A 214 -1.49 29.69 11.51
C LEU A 214 -0.75 30.79 12.28
N SER A 215 -0.81 32.02 11.79
CA SER A 215 -0.04 33.09 12.42
C SER A 215 -0.98 34.11 13.06
N LEU A 216 -0.95 34.18 14.39
CA LEU A 216 -1.89 35.01 15.15
C LEU A 216 -2.10 36.45 14.62
N PRO A 217 -1.01 37.19 14.33
CA PRO A 217 -1.29 38.56 13.85
C PRO A 217 -2.07 38.64 12.53
N SER A 218 -2.11 37.59 11.73
CA SER A 218 -2.91 37.63 10.48
C SER A 218 -4.40 37.34 10.69
N ARG A 219 -4.74 36.74 11.83
CA ARG A 219 -6.09 36.21 12.09
C ARG A 219 -7.19 37.25 12.06
N SER A 220 -6.88 38.47 12.47
CA SER A 220 -7.85 39.56 12.45
C SER A 220 -8.01 40.19 11.08
N LEU A 221 -7.32 39.67 10.06
CA LEU A 221 -7.27 40.37 8.77
C LEU A 221 -8.07 39.67 7.67
N PHE A 222 -8.72 38.56 8.02
CA PHE A 222 -9.51 37.84 7.03
C PHE A 222 -10.47 36.91 7.74
N HIS A 223 -11.46 36.40 7.02
CA HIS A 223 -12.50 35.65 7.68
C HIS A 223 -12.64 34.21 7.17
N ARG A 224 -12.21 33.98 5.93
CA ARG A 224 -12.34 32.68 5.30
C ARG A 224 -11.16 32.46 4.35
N ALA A 225 -10.92 31.20 3.99
CA ALA A 225 -9.72 30.90 3.21
C ALA A 225 -9.90 29.78 2.20
N VAL A 226 -9.30 29.95 1.03
CA VAL A 226 -9.31 28.91 0.00
C VAL A 226 -7.85 28.51 -0.31
N LEU A 227 -7.56 27.22 -0.20
CA LEU A 227 -6.22 26.70 -0.50
C LEU A 227 -6.28 25.77 -1.70
N GLN A 228 -5.81 26.27 -2.83
CA GLN A 228 -5.78 25.48 -4.06
C GLN A 228 -4.41 24.84 -4.28
N SER A 229 -4.36 23.51 -4.25
CA SER A 229 -3.14 22.73 -4.56
C SER A 229 -1.89 23.18 -3.78
N GLY A 230 -2.03 23.36 -2.48
CA GLY A 230 -0.91 23.82 -1.68
C GLY A 230 -1.29 23.92 -0.22
N THR A 231 -0.29 23.81 0.66
CA THR A 231 -0.54 23.76 2.09
C THR A 231 0.70 24.26 2.82
N PRO A 232 0.52 24.77 4.06
CA PRO A 232 1.70 25.21 4.81
C PRO A 232 2.49 24.03 5.38
N ASN A 233 1.79 22.94 5.69
CA ASN A 233 2.45 21.69 6.08
C ASN A 233 2.97 21.05 4.81
N GLY A 234 3.74 19.99 4.95
CA GLY A 234 4.29 19.33 3.78
C GLY A 234 5.76 19.61 3.62
N PRO A 235 6.38 19.00 2.61
CA PRO A 235 7.85 18.95 2.58
C PRO A 235 8.57 20.15 1.96
N TRP A 236 7.87 21.06 1.30
CA TRP A 236 8.58 22.14 0.58
C TRP A 236 8.26 23.56 1.07
N ALA A 237 7.16 23.73 1.79
CA ALA A 237 6.66 25.07 2.10
C ALA A 237 7.43 25.79 3.21
N THR A 238 8.14 25.04 4.06
CA THR A 238 8.92 25.65 5.13
C THR A 238 10.28 24.99 5.27
N VAL A 239 11.24 25.70 5.87
CA VAL A 239 12.51 25.10 6.28
C VAL A 239 12.73 25.42 7.77
N SER A 240 13.57 24.64 8.43
CA SER A 240 13.92 24.93 9.82
C SER A 240 14.83 26.16 9.86
N ALA A 241 15.01 26.71 11.06
CA ALA A 241 15.91 27.85 11.22
C ALA A 241 17.35 27.47 10.83
N GLY A 242 17.80 26.31 11.28
CA GLY A 242 19.12 25.83 10.96
C GLY A 242 19.36 25.70 9.46
N GLU A 243 18.37 25.15 8.75
CA GLU A 243 18.53 24.97 7.30
C GLU A 243 18.51 26.31 6.57
N ALA A 244 17.64 27.23 7.01
CA ALA A 244 17.62 28.59 6.46
C ALA A 244 18.97 29.28 6.64
N ARG A 245 19.54 29.15 7.84
CA ARG A 245 20.85 29.73 8.12
C ARG A 245 21.90 29.13 7.19
N ARG A 246 21.92 27.81 7.06
CA ARG A 246 22.88 27.16 6.17
C ARG A 246 22.77 27.66 4.72
N ARG A 247 21.55 27.74 4.20
CA ARG A 247 21.34 28.21 2.83
C ARG A 247 21.74 29.67 2.64
N ALA A 248 21.40 30.53 3.60
CA ALA A 248 21.76 31.94 3.49
C ALA A 248 23.28 32.09 3.50
N THR A 249 23.95 31.36 4.38
CA THR A 249 25.41 31.53 4.46
C THR A 249 26.12 30.97 3.24
N LEU A 250 25.63 29.85 2.70
CA LEU A 250 26.20 29.32 1.47
C LEU A 250 25.97 30.31 0.32
N LEU A 251 24.77 30.85 0.22
CA LEU A 251 24.49 31.82 -0.82
C LEU A 251 25.46 33.01 -0.70
N ALA A 252 25.64 33.51 0.52
CA ALA A 252 26.59 34.59 0.75
C ALA A 252 28.00 34.24 0.24
N ARG A 253 28.48 33.05 0.53
CA ARG A 253 29.79 32.61 0.02
CA ARG A 253 29.79 32.61 0.02
C ARG A 253 29.84 32.61 -1.49
N LEU A 254 28.79 32.09 -2.12
CA LEU A 254 28.75 31.98 -3.57
C LEU A 254 28.82 33.31 -4.30
N VAL A 255 28.42 34.39 -3.63
CA VAL A 255 28.45 35.71 -4.26
C VAL A 255 29.55 36.62 -3.70
N GLY A 256 30.47 36.02 -2.93
CA GLY A 256 31.64 36.75 -2.47
C GLY A 256 31.49 37.43 -1.12
N CYS A 257 30.53 36.97 -0.32
CA CYS A 257 30.28 37.52 1.01
C CYS A 257 30.49 36.49 2.11
N PRO A 258 31.74 36.09 2.36
CA PRO A 258 31.89 35.13 3.45
C PRO A 258 32.07 35.83 4.79
N ASN A 265 29.85 37.64 12.35
CA ASN A 265 28.64 38.39 12.64
C ASN A 265 27.64 38.32 11.46
N ASP A 266 26.36 38.17 11.79
CA ASP A 266 25.31 38.22 10.78
C ASP A 266 25.29 39.60 10.15
N THR A 267 25.51 40.63 10.97
CA THR A 267 25.45 42.02 10.51
C THR A 267 26.36 42.29 9.31
N GLU A 268 27.61 41.85 9.43
CA GLU A 268 28.60 42.06 8.36
C GLU A 268 28.23 41.26 7.10
N LEU A 269 27.78 40.02 7.30
CA LEU A 269 27.39 39.16 6.19
C LEU A 269 26.23 39.79 5.41
N ILE A 270 25.20 40.23 6.12
CA ILE A 270 24.02 40.81 5.51
C ILE A 270 24.37 42.13 4.85
N ALA A 271 25.20 42.94 5.49
CA ALA A 271 25.61 44.20 4.90
C ALA A 271 26.38 43.98 3.58
N CYS A 272 27.16 42.91 3.50
CA CYS A 272 27.84 42.61 2.25
C CYS A 272 26.83 42.13 1.19
N LEU A 273 25.90 41.27 1.60
CA LEU A 273 24.80 40.86 0.71
C LEU A 273 24.01 42.03 0.11
N ARG A 274 23.81 43.10 0.90
CA ARG A 274 23.06 44.25 0.42
CA ARG A 274 23.08 44.29 0.44
C ARG A 274 23.80 45.06 -0.64
N THR A 275 25.11 44.88 -0.75
CA THR A 275 25.88 45.58 -1.77
C THR A 275 25.84 44.84 -3.11
N ARG A 276 25.35 43.60 -3.08
CA ARG A 276 25.28 42.77 -4.29
C ARG A 276 24.12 43.16 -5.18
N PRO A 277 24.34 43.18 -6.51
CA PRO A 277 23.27 43.42 -7.46
C PRO A 277 22.21 42.34 -7.31
N ALA A 278 20.94 42.71 -7.48
CA ALA A 278 19.84 41.74 -7.41
C ALA A 278 20.11 40.50 -8.27
N GLN A 279 20.60 40.71 -9.49
CA GLN A 279 20.79 39.60 -10.40
C GLN A 279 21.85 38.60 -9.92
N ASP A 280 22.84 39.07 -9.18
CA ASP A 280 23.85 38.18 -8.60
C ASP A 280 23.21 37.16 -7.65
N LEU A 281 22.27 37.62 -6.84
CA LEU A 281 21.60 36.73 -5.89
C LEU A 281 20.76 35.71 -6.66
N VAL A 282 20.02 36.19 -7.65
CA VAL A 282 19.20 35.30 -8.49
C VAL A 282 20.05 34.24 -9.18
N ASP A 283 21.21 34.63 -9.70
CA ASP A 283 22.07 33.70 -10.42
C ASP A 283 22.62 32.56 -9.56
N HIS A 284 22.59 32.68 -8.23
CA HIS A 284 23.12 31.61 -7.36
C HIS A 284 22.09 30.95 -6.48
N GLU A 285 20.86 31.43 -6.58
CA GLU A 285 19.78 31.01 -5.71
C GLU A 285 19.56 29.49 -5.74
N TRP A 286 19.69 28.88 -6.91
CA TRP A 286 19.45 27.45 -7.05
C TRP A 286 20.63 26.55 -6.70
N HIS A 287 21.71 27.14 -6.26
CA HIS A 287 22.91 26.35 -5.96
C HIS A 287 23.02 25.98 -4.50
N VAL A 288 22.00 26.28 -3.69
CA VAL A 288 22.12 26.05 -2.25
C VAL A 288 21.30 24.89 -1.68
N LEU A 289 20.49 24.23 -2.52
CA LEU A 289 19.71 23.06 -2.08
C LEU A 289 20.64 21.93 -1.63
N PRO A 290 20.25 21.21 -0.58
CA PRO A 290 21.13 20.18 -0.01
C PRO A 290 21.21 18.90 -0.86
N GLN A 291 20.21 18.63 -1.69
CA GLN A 291 20.28 17.50 -2.63
C GLN A 291 19.72 17.88 -3.98
N GLU A 292 20.09 17.10 -5.00
CA GLU A 292 19.43 17.19 -6.28
C GLU A 292 17.95 16.84 -6.07
N SER A 293 17.06 17.68 -6.55
CA SER A 293 15.65 17.53 -6.19
C SER A 293 14.71 18.23 -7.15
N ILE A 294 13.43 17.85 -7.10
CA ILE A 294 12.39 18.67 -7.71
C ILE A 294 11.36 19.00 -6.64
N PHE A 295 10.55 20.03 -6.89
CA PHE A 295 9.57 20.52 -5.92
C PHE A 295 10.24 20.88 -4.60
N ARG A 296 11.45 21.43 -4.69
CA ARG A 296 12.13 22.02 -3.54
C ARG A 296 12.67 23.40 -3.93
N PHE A 297 12.48 24.37 -3.06
CA PHE A 297 12.81 25.76 -3.41
C PHE A 297 13.74 26.31 -2.33
N SER A 298 14.76 27.04 -2.75
CA SER A 298 15.85 27.41 -1.86
C SER A 298 15.42 28.32 -0.73
N PHE A 299 14.59 29.32 -1.05
CA PHE A 299 14.24 30.32 -0.05
C PHE A 299 12.74 30.41 0.16
N VAL A 300 12.29 29.84 1.28
CA VAL A 300 10.88 29.69 1.59
C VAL A 300 10.64 30.15 3.02
N PRO A 301 9.37 30.23 3.45
CA PRO A 301 9.11 30.56 4.85
C PRO A 301 9.90 29.72 5.86
N VAL A 302 10.34 30.36 6.93
CA VAL A 302 11.19 29.71 7.90
C VAL A 302 10.45 29.57 9.22
N VAL A 303 10.58 28.41 9.87
CA VAL A 303 10.03 28.24 11.22
C VAL A 303 10.90 29.06 12.17
N ASP A 304 10.49 30.30 12.41
CA ASP A 304 11.31 31.27 13.13
C ASP A 304 10.94 31.42 14.61
N GLY A 305 9.85 30.78 15.02
CA GLY A 305 9.37 30.97 16.38
C GLY A 305 8.68 32.32 16.56
N ASP A 306 8.48 33.04 15.46
CA ASP A 306 7.80 34.34 15.47
C ASP A 306 6.55 34.35 14.57
N PHE A 307 6.72 34.58 13.26
CA PHE A 307 5.60 34.44 12.32
C PHE A 307 4.99 33.05 12.50
N LEU A 308 5.85 32.05 12.51
CA LEU A 308 5.43 30.68 12.78
C LEU A 308 6.00 30.24 14.13
N SER A 309 5.14 30.08 15.12
CA SER A 309 5.60 29.80 16.49
C SER A 309 6.15 28.38 16.61
N ASP A 310 5.79 27.53 15.66
CA ASP A 310 6.23 26.13 15.63
C ASP A 310 6.03 25.68 14.19
N THR A 311 6.42 24.44 13.87
CA THR A 311 6.21 23.91 12.52
C THR A 311 4.71 23.89 12.22
N PRO A 312 4.35 24.05 10.94
CA PRO A 312 2.92 24.02 10.59
C PRO A 312 2.29 22.69 10.98
N GLU A 313 3.00 21.59 10.81
CA GLU A 313 2.52 20.27 11.24
C GLU A 313 2.06 20.30 12.71
N ALA A 314 2.90 20.84 13.59
CA ALA A 314 2.55 20.93 15.00
C ALA A 314 1.35 21.85 15.23
N LEU A 315 1.35 23.01 14.57
CA LEU A 315 0.26 23.97 14.75
C LEU A 315 -1.09 23.45 14.27
N ILE A 316 -1.12 22.65 13.20
CA ILE A 316 -2.39 22.10 12.76
C ILE A 316 -2.81 20.85 13.56
N ASN A 317 -1.93 20.31 14.38
CA ASN A 317 -2.27 19.14 15.21
C ASN A 317 -2.94 19.55 16.50
N THR A 318 -2.64 20.76 16.95
CA THR A 318 -3.04 21.21 18.27
C THR A 318 -4.05 22.35 18.20
N GLY A 319 -4.03 23.09 17.10
CA GLY A 319 -4.87 24.27 16.95
C GLY A 319 -6.36 24.05 17.12
N ASP A 320 -7.03 25.09 17.61
CA ASP A 320 -8.48 25.11 17.67
C ASP A 320 -8.97 25.92 16.48
N PHE A 321 -9.70 25.27 15.58
CA PHE A 321 -10.14 25.93 14.35
C PHE A 321 -11.66 26.04 14.22
N GLN A 322 -12.33 26.22 15.36
CA GLN A 322 -13.80 26.34 15.39
C GLN A 322 -14.37 27.46 14.52
N ASP A 323 -13.67 28.59 14.47
CA ASP A 323 -14.16 29.75 13.72
C ASP A 323 -13.79 29.68 12.23
N LEU A 324 -13.02 28.67 11.85
CA LEU A 324 -12.49 28.62 10.49
C LEU A 324 -13.40 27.91 9.48
N GLN A 325 -13.71 28.61 8.40
CA GLN A 325 -14.33 28.00 7.23
C GLN A 325 -13.30 27.98 6.10
N VAL A 326 -13.12 26.82 5.47
CA VAL A 326 -12.04 26.68 4.50
CA VAL A 326 -12.04 26.68 4.50
C VAL A 326 -12.47 25.82 3.32
N LEU A 327 -11.98 26.17 2.14
CA LEU A 327 -12.20 25.41 0.93
C LEU A 327 -10.82 24.99 0.43
N VAL A 328 -10.62 23.69 0.21
CA VAL A 328 -9.32 23.19 -0.21
C VAL A 328 -9.49 22.18 -1.34
N GLY A 329 -8.46 22.02 -2.17
CA GLY A 329 -8.56 21.04 -3.23
C GLY A 329 -7.28 20.88 -4.03
N VAL A 330 -7.34 19.98 -5.01
CA VAL A 330 -6.19 19.62 -5.84
C VAL A 330 -6.67 19.44 -7.28
N VAL A 331 -5.73 19.44 -8.22
CA VAL A 331 -6.09 19.09 -9.61
C VAL A 331 -5.81 17.62 -9.84
N LYS A 332 -6.33 17.08 -10.93
CA LYS A 332 -6.21 15.66 -11.23
C LYS A 332 -4.76 15.17 -11.29
N ASP A 333 -3.86 15.96 -11.87
CA ASP A 333 -2.47 15.50 -12.07
C ASP A 333 -1.41 16.44 -11.49
N GLU A 334 -1.33 16.50 -10.16
CA GLU A 334 -0.46 17.45 -9.49
C GLU A 334 1.01 17.30 -9.83
N GLY A 335 1.46 16.08 -10.11
CA GLY A 335 2.88 15.86 -10.29
C GLY A 335 3.44 16.04 -11.70
N SER A 336 2.59 15.96 -12.71
CA SER A 336 3.09 15.80 -14.09
C SER A 336 3.99 16.93 -14.58
N TYR A 337 3.63 18.16 -14.25
CA TYR A 337 4.38 19.34 -14.69
C TYR A 337 5.85 19.28 -14.29
N PHE A 338 6.17 18.54 -13.24
CA PHE A 338 7.46 18.64 -12.55
CA PHE A 338 7.47 18.69 -12.62
C PHE A 338 8.50 17.64 -13.04
N LEU A 339 8.05 16.68 -13.81
CA LEU A 339 8.92 15.62 -14.29
C LEU A 339 9.90 16.12 -15.34
N VAL A 340 9.53 17.18 -16.06
CA VAL A 340 10.41 17.71 -17.08
C VAL A 340 11.59 18.47 -16.48
N TYR A 341 11.35 19.12 -15.35
CA TYR A 341 12.32 20.05 -14.76
C TYR A 341 13.51 19.37 -14.12
N GLY A 342 13.25 18.17 -13.65
CA GLY A 342 14.27 17.31 -13.11
C GLY A 342 13.65 15.94 -13.25
N VAL A 343 14.51 14.96 -13.55
CA VAL A 343 14.23 13.55 -13.84
C VAL A 343 14.55 13.18 -15.31
N PRO A 344 15.70 12.53 -15.50
CA PRO A 344 16.14 12.05 -16.82
C PRO A 344 15.03 11.22 -17.46
N GLY A 345 14.76 11.43 -18.75
CA GLY A 345 13.74 10.67 -19.44
C GLY A 345 12.43 11.39 -19.72
N PHE A 346 12.21 12.53 -19.07
CA PHE A 346 10.97 13.29 -19.25
C PHE A 346 11.17 14.54 -20.09
N SER A 347 10.14 14.90 -20.84
CA SER A 347 10.10 16.11 -21.67
C SER A 347 8.68 16.32 -22.16
N LYS A 348 8.29 17.57 -22.36
CA LYS A 348 6.99 17.87 -22.96
C LYS A 348 6.97 17.46 -24.43
N ASP A 349 8.15 17.12 -24.99
CA ASP A 349 8.27 16.91 -26.43
C ASP A 349 8.23 15.43 -26.88
N ASN A 350 8.26 14.52 -25.93
CA ASN A 350 8.00 13.10 -26.24
C ASN A 350 6.96 12.53 -25.28
N GLU A 351 6.59 11.27 -25.48
CA GLU A 351 5.55 10.65 -24.66
C GLU A 351 6.04 10.38 -23.24
N SER A 352 7.35 10.53 -23.05
CA SER A 352 8.00 10.44 -21.75
C SER A 352 7.79 9.11 -21.08
N LEU A 353 7.70 8.06 -21.89
CA LEU A 353 7.70 6.72 -21.35
C LEU A 353 9.08 6.54 -20.75
N ILE A 354 9.16 6.03 -19.53
CA ILE A 354 10.45 5.86 -18.89
C ILE A 354 10.70 4.43 -18.50
N SER A 355 11.97 4.12 -18.25
CA SER A 355 12.36 2.78 -17.85
C SER A 355 12.19 2.65 -16.36
N ARG A 356 12.22 1.41 -15.87
CA ARG A 356 12.21 1.17 -14.44
C ARG A 356 13.42 1.85 -13.78
N ALA A 357 14.56 1.84 -14.46
CA ALA A 357 15.75 2.51 -13.94
C ALA A 357 15.53 4.01 -13.78
N GLN A 358 14.87 4.62 -14.76
CA GLN A 358 14.62 6.06 -14.67
C GLN A 358 13.62 6.36 -13.55
N PHE A 359 12.71 5.42 -13.30
CA PHE A 359 11.73 5.57 -12.22
C PHE A 359 12.41 5.55 -10.86
N LEU A 360 13.28 4.57 -10.65
CA LEU A 360 14.00 4.47 -9.39
C LEU A 360 14.80 5.74 -9.16
N ALA A 361 15.50 6.19 -10.19
CA ALA A 361 16.28 7.43 -10.08
C ALA A 361 15.38 8.64 -9.84
N GLY A 362 14.22 8.65 -10.51
CA GLY A 362 13.28 9.76 -10.37
C GLY A 362 12.76 9.83 -8.94
N VAL A 363 12.54 8.66 -8.33
CA VAL A 363 12.06 8.61 -6.96
C VAL A 363 13.04 9.25 -5.96
N ARG A 364 14.34 9.01 -6.14
CA ARG A 364 15.34 9.66 -5.30
C ARG A 364 15.33 11.18 -5.46
N ILE A 365 15.03 11.65 -6.67
CA ILE A 365 14.98 13.09 -6.93
C ILE A 365 13.68 13.71 -6.41
N GLY A 366 12.58 12.98 -6.54
CA GLY A 366 11.27 13.47 -6.11
C GLY A 366 11.04 13.36 -4.62
N VAL A 367 11.81 12.51 -3.96
CA VAL A 367 11.74 12.40 -2.50
C VAL A 367 13.16 12.52 -1.98
N PRO A 368 13.76 13.73 -2.12
CA PRO A 368 15.20 13.88 -1.89
C PRO A 368 15.61 13.67 -0.43
N GLN A 369 14.65 13.70 0.49
CA GLN A 369 14.96 13.49 1.91
C GLN A 369 14.93 12.00 2.28
N ALA A 370 14.53 11.14 1.35
CA ALA A 370 14.39 9.72 1.66
C ALA A 370 15.71 8.97 1.80
N SER A 371 15.81 8.17 2.86
CA SER A 371 16.85 7.15 2.97
C SER A 371 16.63 6.10 1.90
N ASP A 372 17.58 5.17 1.74
CA ASP A 372 17.42 4.09 0.76
C ASP A 372 16.20 3.23 1.07
N LEU A 373 15.99 2.95 2.35
CA LEU A 373 14.85 2.15 2.80
C LEU A 373 13.52 2.87 2.52
N ALA A 374 13.46 4.16 2.81
CA ALA A 374 12.26 4.94 2.54
C ALA A 374 11.98 4.98 1.04
N ALA A 375 13.02 5.15 0.23
CA ALA A 375 12.85 5.19 -1.22
C ALA A 375 12.32 3.84 -1.74
N GLU A 376 12.84 2.74 -1.18
CA GLU A 376 12.35 1.42 -1.55
C GLU A 376 10.87 1.28 -1.22
N ALA A 377 10.46 1.80 -0.06
CA ALA A 377 9.05 1.74 0.33
C ALA A 377 8.20 2.46 -0.72
N VAL A 378 8.66 3.63 -1.16
CA VAL A 378 7.93 4.40 -2.17
C VAL A 378 7.82 3.59 -3.47
N VAL A 379 8.95 3.07 -3.94
CA VAL A 379 9.01 2.31 -5.17
C VAL A 379 8.09 1.10 -5.08
N LEU A 380 8.10 0.47 -3.91
CA LEU A 380 7.31 -0.73 -3.70
C LEU A 380 5.83 -0.44 -3.79
N HIS A 381 5.41 0.66 -3.17
CA HIS A 381 4.02 1.10 -3.18
C HIS A 381 3.49 1.52 -4.56
N TYR A 382 4.33 2.18 -5.35
CA TYR A 382 3.85 2.76 -6.61
C TYR A 382 4.07 1.86 -7.83
N THR A 383 4.85 0.80 -7.67
CA THR A 383 5.07 -0.15 -8.76
C THR A 383 3.80 -0.96 -8.96
N ASP A 384 3.43 -1.19 -10.22
CA ASP A 384 2.39 -2.15 -10.56
C ASP A 384 3.04 -3.53 -10.70
N TRP A 385 2.87 -4.39 -9.69
CA TRP A 385 3.57 -5.67 -9.70
C TRP A 385 3.09 -6.68 -10.74
N LEU A 386 2.00 -6.36 -11.42
CA LEU A 386 1.60 -7.12 -12.60
C LEU A 386 2.39 -6.69 -13.84
N HIS A 387 2.82 -5.43 -13.86
CA HIS A 387 3.55 -4.88 -15.00
C HIS A 387 4.65 -3.97 -14.48
N PRO A 388 5.62 -4.53 -13.75
CA PRO A 388 6.56 -3.67 -13.01
C PRO A 388 7.49 -2.87 -13.92
N GLU A 389 7.53 -3.21 -15.21
CA GLU A 389 8.45 -2.52 -16.11
C GLU A 389 7.74 -1.77 -17.24
N ASP A 390 6.42 -1.75 -17.21
CA ASP A 390 5.64 -1.03 -18.22
C ASP A 390 5.95 0.47 -18.19
N PRO A 391 6.51 1.00 -19.30
CA PRO A 391 6.93 2.41 -19.29
C PRO A 391 5.80 3.43 -19.21
N THR A 392 4.60 3.10 -19.67
CA THR A 392 3.48 4.05 -19.50
C THR A 392 3.11 4.12 -18.02
N HIS A 393 3.00 2.97 -17.37
CA HIS A 393 2.64 2.98 -15.96
C HIS A 393 3.70 3.67 -15.09
N LEU A 394 4.97 3.42 -15.42
CA LEU A 394 6.09 4.01 -14.67
C LEU A 394 6.08 5.54 -14.79
N ARG A 395 5.78 6.04 -15.99
CA ARG A 395 5.70 7.50 -16.17
C ARG A 395 4.58 8.08 -15.31
N ASP A 396 3.41 7.44 -15.36
CA ASP A 396 2.27 7.88 -14.57
C ASP A 396 2.53 7.69 -13.07
N ALA A 397 3.33 6.69 -12.72
CA ALA A 397 3.58 6.44 -11.30
C ALA A 397 4.54 7.51 -10.77
N MET A 398 5.50 7.91 -11.59
CA MET A 398 6.47 8.93 -11.21
C MET A 398 5.71 10.22 -10.94
N SER A 399 4.78 10.54 -11.83
CA SER A 399 3.95 11.72 -11.66
CA SER A 399 3.95 11.72 -11.66
C SER A 399 3.15 11.65 -10.37
N ALA A 400 2.58 10.47 -10.09
CA ALA A 400 1.79 10.29 -8.87
C ALA A 400 2.66 10.44 -7.63
N VAL A 401 3.88 9.93 -7.67
CA VAL A 401 4.79 10.09 -6.54
C VAL A 401 4.99 11.58 -6.20
N VAL A 402 5.34 12.38 -7.20
CA VAL A 402 5.61 13.80 -6.97
C VAL A 402 4.35 14.55 -6.53
N GLY A 403 3.23 14.31 -7.21
CA GLY A 403 1.97 14.92 -6.85
C GLY A 403 1.46 14.56 -5.46
N ASP A 404 1.56 13.28 -5.09
CA ASP A 404 1.03 12.83 -3.81
C ASP A 404 1.88 13.35 -2.65
N HIS A 405 3.20 13.24 -2.79
CA HIS A 405 4.13 13.64 -1.73
C HIS A 405 4.03 15.14 -1.46
N ASN A 406 3.99 15.92 -2.54
CA ASN A 406 4.07 17.37 -2.41
C ASN A 406 2.76 18.12 -2.25
N VAL A 407 1.67 17.56 -2.78
CA VAL A 407 0.41 18.30 -2.79
C VAL A 407 -0.76 17.48 -2.25
N VAL A 408 -1.09 16.35 -2.89
CA VAL A 408 -2.32 15.65 -2.53
C VAL A 408 -2.35 15.18 -1.08
N CYS A 409 -1.32 14.47 -0.64
CA CYS A 409 -1.32 14.02 0.75
C CYS A 409 -1.17 15.13 1.79
N PRO A 410 -0.31 16.14 1.53
CA PRO A 410 -0.35 17.29 2.45
C PRO A 410 -1.73 17.93 2.53
N VAL A 411 -2.41 18.06 1.40
CA VAL A 411 -3.77 18.60 1.42
C VAL A 411 -4.73 17.69 2.21
N ALA A 412 -4.66 16.38 1.98
CA ALA A 412 -5.49 15.45 2.72
C ALA A 412 -5.22 15.58 4.21
N GLN A 413 -3.96 15.72 4.57
CA GLN A 413 -3.57 15.84 5.98
CA GLN A 413 -3.61 15.82 5.98
C GLN A 413 -4.14 17.12 6.60
N LEU A 414 -4.03 18.22 5.86
CA LEU A 414 -4.55 19.49 6.33
C LEU A 414 -6.07 19.41 6.51
N ALA A 415 -6.76 18.92 5.48
CA ALA A 415 -8.21 18.81 5.53
C ALA A 415 -8.64 17.96 6.73
N GLY A 416 -7.93 16.86 6.96
CA GLY A 416 -8.22 15.98 8.07
C GLY A 416 -8.00 16.62 9.43
N ARG A 417 -6.89 17.32 9.61
CA ARG A 417 -6.61 17.94 10.90
C ARG A 417 -7.57 19.09 11.20
N LEU A 418 -7.88 19.89 10.17
CA LEU A 418 -8.73 21.05 10.36
C LEU A 418 -10.14 20.63 10.75
N ALA A 419 -10.70 19.65 10.05
CA ALA A 419 -12.03 19.14 10.37
C ALA A 419 -12.11 18.55 11.78
N ALA A 420 -11.10 17.76 12.16
CA ALA A 420 -11.10 17.13 13.49
C ALA A 420 -11.02 18.18 14.60
N GLN A 421 -10.59 19.38 14.25
CA GLN A 421 -10.39 20.41 15.26
C GLN A 421 -11.32 21.62 15.11
N GLY A 422 -12.51 21.36 14.58
CA GLY A 422 -13.56 22.36 14.56
C GLY A 422 -13.88 23.02 13.23
N ALA A 423 -12.92 23.00 12.29
CA ALA A 423 -13.10 23.76 11.06
C ALA A 423 -14.24 23.24 10.21
N ARG A 424 -14.87 24.14 9.46
CA ARG A 424 -15.77 23.71 8.40
C ARG A 424 -14.94 23.63 7.14
N VAL A 425 -14.83 22.43 6.56
CA VAL A 425 -13.98 22.19 5.40
C VAL A 425 -14.79 21.69 4.21
N TYR A 426 -14.59 22.32 3.05
CA TYR A 426 -15.08 21.78 1.79
C TYR A 426 -13.89 21.39 0.91
N ALA A 427 -13.97 20.22 0.29
CA ALA A 427 -12.86 19.73 -0.52
C ALA A 427 -13.28 19.38 -1.94
N TYR A 428 -12.37 19.55 -2.89
CA TYR A 428 -12.65 19.24 -4.30
C TYR A 428 -11.45 18.57 -4.96
N ILE A 429 -11.72 17.89 -6.08
CA ILE A 429 -10.65 17.55 -7.00
C ILE A 429 -11.06 18.13 -8.35
N PHE A 430 -10.15 18.89 -8.97
CA PHE A 430 -10.46 19.54 -10.24
C PHE A 430 -9.99 18.65 -11.39
N GLU A 431 -10.93 18.22 -12.24
CA GLU A 431 -10.62 17.14 -13.18
C GLU A 431 -10.80 17.53 -14.64
N HIS A 432 -11.14 18.79 -14.89
CA HIS A 432 -11.31 19.21 -16.27
C HIS A 432 -10.04 19.73 -16.92
N ARG A 433 -9.69 19.14 -18.05
CA ARG A 433 -8.55 19.59 -18.82
CA ARG A 433 -8.54 19.60 -18.82
C ARG A 433 -8.99 20.62 -19.88
N ALA A 434 -8.43 21.82 -19.82
CA ALA A 434 -8.80 22.88 -20.75
C ALA A 434 -8.60 22.45 -22.20
N SER A 435 -9.59 22.74 -23.05
CA SER A 435 -9.50 22.43 -24.48
C SER A 435 -8.34 23.18 -25.12
N THR A 436 -7.91 24.26 -24.47
CA THR A 436 -6.86 25.13 -24.96
C THR A 436 -5.45 24.79 -24.46
N LEU A 437 -5.35 23.78 -23.60
CA LEU A 437 -4.07 23.43 -22.97
C LEU A 437 -2.98 23.13 -24.00
N THR A 438 -1.80 23.71 -23.84
CA THR A 438 -0.72 23.50 -24.79
C THR A 438 0.23 22.39 -24.37
N TRP A 439 0.09 21.91 -23.13
CA TRP A 439 0.91 20.80 -22.67
C TRP A 439 0.41 19.48 -23.27
N PRO A 440 1.29 18.48 -23.38
CA PRO A 440 0.86 17.22 -23.99
C PRO A 440 -0.23 16.50 -23.18
N LEU A 441 -0.95 15.62 -23.87
CA LEU A 441 -2.10 14.95 -23.30
C LEU A 441 -1.80 14.08 -22.09
N TRP A 442 -0.57 13.56 -22.02
CA TRP A 442 -0.24 12.62 -20.96
C TRP A 442 -0.11 13.33 -19.61
N MET A 443 0.10 14.65 -19.64
CA MET A 443 0.21 15.40 -18.39
C MET A 443 -1.13 15.66 -17.72
N GLY A 444 -2.22 15.31 -18.42
CA GLY A 444 -3.56 15.39 -17.86
C GLY A 444 -3.96 16.81 -17.47
N VAL A 445 -4.35 17.00 -16.21
CA VAL A 445 -4.70 18.32 -15.68
C VAL A 445 -3.59 18.72 -14.72
N PRO A 446 -2.60 19.48 -15.23
CA PRO A 446 -1.41 19.74 -14.41
C PRO A 446 -1.66 20.82 -13.35
N HIS A 447 -0.74 20.86 -12.39
CA HIS A 447 -0.68 21.88 -11.35
C HIS A 447 -0.89 23.27 -11.95
N GLY A 448 -1.86 24.03 -11.44
CA GLY A 448 -2.06 25.41 -11.84
C GLY A 448 -3.11 25.63 -12.91
N TYR A 449 -3.65 24.56 -13.48
CA TYR A 449 -4.52 24.72 -14.65
C TYR A 449 -6.02 24.74 -14.33
N GLU A 450 -6.34 24.86 -13.05
CA GLU A 450 -7.69 25.18 -12.65
C GLU A 450 -7.84 26.70 -12.56
N ILE A 451 -6.72 27.39 -12.40
CA ILE A 451 -6.77 28.84 -12.09
C ILE A 451 -7.55 29.66 -13.12
N GLU A 452 -7.25 29.47 -14.40
CA GLU A 452 -7.93 30.20 -15.46
C GLU A 452 -9.46 30.00 -15.42
N PHE A 453 -9.92 28.88 -14.88
CA PHE A 453 -11.35 28.65 -14.73
C PHE A 453 -11.94 29.40 -13.54
N ILE A 454 -11.25 29.39 -12.40
CA ILE A 454 -11.72 30.12 -11.23
C ILE A 454 -11.86 31.63 -11.51
N PHE A 455 -10.89 32.17 -12.26
CA PHE A 455 -10.87 33.59 -12.56
C PHE A 455 -11.78 33.92 -13.74
N GLY A 456 -12.26 32.90 -14.44
CA GLY A 456 -13.28 33.09 -15.46
C GLY A 456 -12.77 33.54 -16.80
N LEU A 457 -11.51 33.24 -17.10
CA LEU A 457 -10.97 33.51 -18.43
C LEU A 457 -11.77 32.93 -19.63
N PRO A 458 -12.41 31.75 -19.48
CA PRO A 458 -13.20 31.27 -20.62
C PRO A 458 -14.34 32.20 -21.08
N LEU A 459 -14.67 33.21 -20.26
CA LEU A 459 -15.66 34.21 -20.66
C LEU A 459 -15.13 35.16 -21.75
N ASP A 460 -13.81 35.24 -21.90
CA ASP A 460 -13.20 36.04 -22.95
C ASP A 460 -13.31 35.30 -24.28
N PRO A 461 -14.10 35.82 -25.22
CA PRO A 461 -14.38 35.12 -26.49
C PRO A 461 -13.13 34.91 -27.33
N SER A 462 -12.18 35.84 -27.25
CA SER A 462 -10.92 35.72 -28.01
C SER A 462 -10.05 34.53 -27.58
N LEU A 463 -10.35 33.92 -26.44
CA LEU A 463 -9.52 32.83 -25.93
C LEU A 463 -9.91 31.43 -26.44
N ASN A 464 -10.98 31.35 -27.23
CA ASN A 464 -11.33 30.10 -27.93
C ASN A 464 -11.75 28.90 -27.04
N TYR A 465 -12.18 29.15 -25.81
CA TYR A 465 -12.74 28.07 -24.98
C TYR A 465 -14.08 27.64 -25.55
N THR A 466 -14.48 26.40 -25.29
CA THR A 466 -15.80 25.92 -25.73
C THR A 466 -16.91 26.55 -24.90
N THR A 467 -18.13 26.42 -25.41
CA THR A 467 -19.32 26.94 -24.75
C THR A 467 -19.56 26.27 -23.40
N GLU A 468 -19.27 24.98 -23.32
CA GLU A 468 -19.41 24.23 -22.08
C GLU A 468 -18.39 24.69 -21.04
N GLU A 469 -17.19 25.04 -21.49
CA GLU A 469 -16.17 25.57 -20.60
C GLU A 469 -16.59 26.91 -19.99
N ARG A 470 -17.33 27.71 -20.75
CA ARG A 470 -17.86 28.99 -20.27
CA ARG A 470 -17.82 28.99 -20.24
C ARG A 470 -18.82 28.78 -19.11
N ILE A 471 -19.77 27.88 -19.32
CA ILE A 471 -20.75 27.50 -18.32
C ILE A 471 -20.04 26.92 -17.08
N PHE A 472 -19.10 26.02 -17.32
CA PHE A 472 -18.25 25.47 -16.27
C PHE A 472 -17.55 26.58 -15.47
N ALA A 473 -16.88 27.49 -16.17
CA ALA A 473 -16.21 28.62 -15.50
C ALA A 473 -17.18 29.38 -14.60
N GLN A 474 -18.38 29.65 -15.12
CA GLN A 474 -19.38 30.39 -14.38
C GLN A 474 -19.82 29.63 -13.13
N ARG A 475 -19.93 28.31 -13.24
CA ARG A 475 -20.21 27.47 -12.08
C ARG A 475 -19.13 27.66 -10.99
N LEU A 476 -17.87 27.57 -11.38
CA LEU A 476 -16.77 27.66 -10.41
C LEU A 476 -16.73 29.04 -9.75
N MET A 477 -16.89 30.08 -10.56
CA MET A 477 -16.90 31.44 -10.00
C MET A 477 -18.01 31.57 -8.96
N LYS A 478 -19.15 30.92 -9.20
CA LYS A 478 -20.26 30.93 -8.24
C LYS A 478 -19.91 30.18 -6.94
N TYR A 479 -19.31 29.00 -7.06
CA TYR A 479 -18.84 28.27 -5.88
C TYR A 479 -17.91 29.12 -5.04
N TRP A 480 -16.90 29.70 -5.69
CA TRP A 480 -15.88 30.47 -4.98
C TRP A 480 -16.47 31.73 -4.31
N THR A 481 -17.30 32.47 -5.03
CA THR A 481 -17.91 33.68 -4.47
C THR A 481 -19.05 33.38 -3.46
N ASN A 482 -19.80 32.31 -3.69
CA ASN A 482 -20.72 31.83 -2.64
C ASN A 482 -19.94 31.54 -1.36
N PHE A 483 -18.82 30.83 -1.51
CA PHE A 483 -18.01 30.51 -0.34
C PHE A 483 -17.51 31.79 0.32
N ALA A 484 -16.98 32.72 -0.47
CA ALA A 484 -16.50 33.99 0.07
C ALA A 484 -17.59 34.75 0.83
N ARG A 485 -18.80 34.74 0.27
CA ARG A 485 -19.92 35.45 0.89
C ARG A 485 -20.40 34.78 2.17
N THR A 486 -20.59 33.47 2.13
CA THR A 486 -21.31 32.78 3.19
C THR A 486 -20.52 31.70 3.96
N GLY A 487 -19.38 31.30 3.43
CA GLY A 487 -18.66 30.16 3.99
C GLY A 487 -19.22 28.83 3.52
N ASP A 488 -20.04 28.88 2.47
CA ASP A 488 -20.71 27.70 1.94
C ASP A 488 -20.73 27.86 0.43
N PRO A 489 -20.07 26.94 -0.31
CA PRO A 489 -20.00 27.07 -1.77
C PRO A 489 -21.35 26.80 -2.46
N ASN A 490 -22.29 26.20 -1.74
CA ASN A 490 -23.61 25.88 -2.29
C ASN A 490 -24.48 27.12 -2.43
N ASP A 491 -25.26 27.17 -3.50
CA ASP A 491 -26.22 28.25 -3.68
C ASP A 491 -27.56 27.86 -3.06
N PRO A 492 -28.03 28.65 -2.08
CA PRO A 492 -29.40 28.48 -1.60
C PRO A 492 -30.32 28.90 -2.73
N ARG A 493 -31.59 28.45 -2.73
CA ARG A 493 -32.47 28.68 -3.87
C ARG A 493 -31.92 28.03 -5.14
N ASP A 494 -31.31 26.86 -4.95
CA ASP A 494 -30.90 25.98 -6.02
C ASP A 494 -30.71 24.61 -5.40
N SER A 495 -31.26 24.45 -4.19
CA SER A 495 -31.06 23.26 -3.36
C SER A 495 -31.49 21.93 -4.01
N LYS A 496 -31.92 22.00 -5.28
CA LYS A 496 -32.16 20.81 -6.08
C LYS A 496 -30.89 20.38 -6.82
N SER A 497 -30.05 21.36 -7.18
CA SER A 497 -28.72 21.08 -7.72
C SER A 497 -27.91 20.35 -6.65
N PRO A 498 -27.10 19.36 -7.07
CA PRO A 498 -26.33 18.50 -6.16
C PRO A 498 -25.56 19.33 -5.13
N GLN A 499 -25.67 18.95 -3.86
CA GLN A 499 -25.02 19.70 -2.81
C GLN A 499 -23.57 19.28 -2.62
N TRP A 500 -22.76 20.22 -2.15
CA TRP A 500 -21.37 19.98 -1.82
C TRP A 500 -21.32 19.83 -0.30
N PRO A 501 -21.20 18.58 0.19
CA PRO A 501 -21.18 18.34 1.63
C PRO A 501 -19.82 18.71 2.19
N PRO A 502 -19.77 19.18 3.44
CA PRO A 502 -18.48 19.45 4.08
C PRO A 502 -17.64 18.18 4.22
N TYR A 503 -16.32 18.34 4.20
CA TYR A 503 -15.41 17.24 4.45
C TYR A 503 -15.37 16.95 5.95
N THR A 504 -15.53 15.67 6.31
CA THR A 504 -15.49 15.23 7.70
C THR A 504 -14.55 14.05 7.89
N THR A 505 -14.08 13.87 9.13
CA THR A 505 -13.20 12.75 9.42
C THR A 505 -13.94 11.43 9.22
N ALA A 506 -15.25 11.44 9.48
CA ALA A 506 -16.06 10.23 9.42
C ALA A 506 -16.39 9.77 8.00
N ALA A 507 -16.75 10.70 7.13
CA ALA A 507 -17.20 10.36 5.78
C ALA A 507 -16.21 10.75 4.67
N GLN A 508 -15.32 11.70 4.97
CA GLN A 508 -14.26 12.11 4.02
C GLN A 508 -14.77 12.48 2.62
N GLN A 509 -15.88 13.19 2.56
CA GLN A 509 -16.49 13.56 1.29
C GLN A 509 -15.85 14.78 0.62
N TYR A 510 -15.61 14.67 -0.67
CA TYR A 510 -15.19 15.78 -1.50
C TYR A 510 -15.94 15.67 -2.83
N VAL A 511 -15.92 16.73 -3.64
CA VAL A 511 -16.62 16.70 -4.92
C VAL A 511 -15.67 16.74 -6.12
N SER A 512 -16.12 16.20 -7.25
CA SER A 512 -15.38 16.34 -8.49
C SER A 512 -15.82 17.60 -9.24
N LEU A 513 -14.85 18.40 -9.69
CA LEU A 513 -15.17 19.59 -10.49
C LEU A 513 -14.83 19.31 -11.95
N ASN A 514 -15.86 19.17 -12.77
CA ASN A 514 -15.71 18.95 -14.22
C ASN A 514 -16.97 19.38 -14.98
N LEU A 515 -17.09 19.01 -16.25
CA LEU A 515 -18.21 19.51 -17.07
C LEU A 515 -19.54 18.93 -16.63
N LYS A 516 -19.48 17.80 -15.92
CA LYS A 516 -20.68 17.12 -15.43
C LYS A 516 -21.08 17.70 -14.08
N PRO A 517 -22.35 17.54 -13.68
CA PRO A 517 -22.82 18.02 -12.38
C PRO A 517 -21.96 17.47 -11.23
N LEU A 518 -21.89 18.18 -10.11
CA LEU A 518 -21.09 17.75 -8.96
C LEU A 518 -21.35 16.28 -8.64
N GLU A 519 -20.28 15.54 -8.42
CA GLU A 519 -20.38 14.16 -7.96
C GLU A 519 -19.63 14.04 -6.65
N VAL A 520 -20.24 13.40 -5.66
CA VAL A 520 -19.61 13.26 -4.35
C VAL A 520 -18.79 11.97 -4.27
N ARG A 521 -17.55 12.10 -3.83
CA ARG A 521 -16.68 10.94 -3.67
C ARG A 521 -16.22 10.88 -2.22
N ARG A 522 -15.65 9.74 -1.84
CA ARG A 522 -15.20 9.55 -0.47
CA ARG A 522 -15.20 9.56 -0.46
C ARG A 522 -13.74 9.13 -0.41
N GLY A 523 -12.99 9.79 0.47
CA GLY A 523 -11.59 9.45 0.69
C GLY A 523 -10.65 10.10 -0.30
N LEU A 524 -9.84 11.02 0.21
CA LEU A 524 -8.87 11.73 -0.61
C LEU A 524 -7.59 10.90 -0.66
N ARG A 525 -7.49 10.02 -1.66
CA ARG A 525 -6.38 9.08 -1.76
C ARG A 525 -6.09 8.45 -0.40
N ALA A 526 -7.12 7.92 0.25
CA ALA A 526 -7.02 7.54 1.65
C ALA A 526 -5.90 6.55 1.94
N GLN A 527 -5.89 5.42 1.22
CA GLN A 527 -4.86 4.39 1.41
C GLN A 527 -3.46 4.95 1.19
N THR A 528 -3.26 5.56 0.03
CA THR A 528 -1.94 6.06 -0.33
C THR A 528 -1.47 7.17 0.60
N CYS A 529 -2.38 8.06 0.98
CA CYS A 529 -1.99 9.12 1.91
C CYS A 529 -1.66 8.61 3.32
N ALA A 530 -2.20 7.45 3.70
CA ALA A 530 -1.80 6.85 4.98
C ALA A 530 -0.32 6.50 4.95
N PHE A 531 0.16 6.06 3.79
CA PHE A 531 1.57 5.78 3.61
C PHE A 531 2.42 7.04 3.79
N TRP A 532 2.10 8.11 3.09
CA TRP A 532 2.88 9.34 3.20
C TRP A 532 2.71 10.01 4.55
N ASN A 533 1.49 10.01 5.08
CA ASN A 533 1.22 10.82 6.28
C ASN A 533 1.42 10.10 7.63
N ARG A 534 1.27 8.79 7.63
CA ARG A 534 1.37 8.03 8.88
C ARG A 534 2.62 7.14 8.93
N PHE A 535 2.92 6.43 7.85
CA PHE A 535 4.04 5.50 7.88
C PHE A 535 5.39 6.14 7.59
N LEU A 536 5.49 6.86 6.49
CA LEU A 536 6.77 7.41 6.05
C LEU A 536 7.52 8.24 7.11
N PRO A 537 6.80 9.07 7.89
CA PRO A 537 7.54 9.81 8.92
C PRO A 537 8.21 8.90 9.93
N LYS A 538 7.54 7.81 10.33
CA LYS A 538 8.15 6.83 11.23
C LYS A 538 9.37 6.12 10.62
N LEU A 539 9.34 5.92 9.32
CA LEU A 539 10.44 5.21 8.65
C LEU A 539 11.64 6.12 8.45
N LEU A 540 11.37 7.40 8.21
CA LEU A 540 12.44 8.38 8.07
C LEU A 540 13.13 8.60 9.42
N SER A 541 12.35 8.54 10.50
CA SER A 541 12.88 8.66 11.86
C SER A 541 13.58 7.40 12.40
N ALA A 542 13.95 6.49 11.49
CA ALA A 542 14.69 5.28 11.88
C ALA A 542 15.77 4.93 10.85
N GLU B 4 -11.51 -66.48 0.33
CA GLU B 4 -10.25 -65.80 0.12
C GLU B 4 -10.19 -65.14 -1.27
N ASP B 5 -10.58 -63.87 -1.33
CA ASP B 5 -10.56 -63.10 -2.58
C ASP B 5 -9.11 -62.87 -3.01
N PRO B 6 -8.73 -63.41 -4.19
CA PRO B 6 -7.34 -63.29 -4.64
C PRO B 6 -6.99 -61.87 -5.07
N GLN B 7 -8.01 -61.02 -5.25
CA GLN B 7 -7.81 -59.61 -5.50
C GLN B 7 -7.29 -58.90 -4.24
N LEU B 8 -7.56 -59.50 -3.09
CA LEU B 8 -7.24 -58.89 -1.81
C LEU B 8 -5.95 -59.46 -1.21
N LEU B 9 -5.28 -60.32 -1.97
CA LEU B 9 -4.04 -60.94 -1.54
C LEU B 9 -2.85 -60.45 -2.36
N VAL B 10 -1.88 -59.83 -1.69
CA VAL B 10 -0.74 -59.22 -2.36
C VAL B 10 0.54 -59.64 -1.68
N ARG B 11 1.57 -59.94 -2.49
CA ARG B 11 2.90 -60.14 -1.93
C ARG B 11 3.77 -58.92 -2.15
N VAL B 12 4.26 -58.34 -1.06
CA VAL B 12 5.24 -57.26 -1.15
C VAL B 12 6.55 -57.84 -0.67
N ARG B 13 7.62 -57.04 -0.69
CA ARG B 13 8.94 -57.54 -0.31
C ARG B 13 9.00 -58.11 1.10
N GLY B 14 8.24 -57.55 2.03
CA GLY B 14 8.24 -58.02 3.41
C GLY B 14 7.44 -59.29 3.64
N GLY B 15 6.57 -59.64 2.71
CA GLY B 15 5.70 -60.80 2.90
C GLY B 15 4.31 -60.59 2.31
N GLN B 16 3.38 -61.48 2.64
CA GLN B 16 2.01 -61.41 2.14
C GLN B 16 1.13 -60.49 2.97
N LEU B 17 0.17 -59.86 2.30
CA LEU B 17 -0.78 -58.95 2.92
C LEU B 17 -2.18 -59.36 2.48
N ARG B 18 -3.17 -59.12 3.33
CA ARG B 18 -4.57 -59.32 2.97
C ARG B 18 -5.30 -58.01 3.17
N GLY B 19 -5.84 -57.46 2.09
CA GLY B 19 -6.60 -56.23 2.15
C GLY B 19 -8.08 -56.48 2.32
N ILE B 20 -8.90 -55.46 2.08
CA ILE B 20 -10.33 -55.57 2.27
C ILE B 20 -11.09 -54.93 1.11
N ARG B 21 -12.14 -55.62 0.66
CA ARG B 21 -13.01 -55.08 -0.39
C ARG B 21 -13.89 -54.02 0.24
N LEU B 22 -13.80 -52.79 -0.25
CA LEU B 22 -14.60 -51.69 0.28
C LEU B 22 -15.68 -51.30 -0.72
N LYS B 23 -16.72 -50.65 -0.22
CA LYS B 23 -17.77 -50.13 -1.10
C LYS B 23 -17.56 -48.64 -1.36
N ALA B 24 -17.50 -48.28 -2.64
CA ALA B 24 -17.59 -46.89 -3.04
C ALA B 24 -18.93 -46.74 -3.75
N PRO B 25 -19.46 -45.50 -3.87
CA PRO B 25 -20.81 -45.30 -4.41
C PRO B 25 -21.00 -45.87 -5.82
N GLY B 26 -19.92 -46.04 -6.57
CA GLY B 26 -20.01 -46.53 -7.92
C GLY B 26 -19.45 -47.92 -8.16
N GLY B 27 -19.11 -48.62 -7.09
CA GLY B 27 -18.52 -49.95 -7.20
C GLY B 27 -17.45 -50.20 -6.15
N PRO B 28 -16.89 -51.42 -6.11
CA PRO B 28 -15.95 -51.81 -5.06
C PRO B 28 -14.53 -51.27 -5.28
N VAL B 29 -13.79 -51.05 -4.18
CA VAL B 29 -12.37 -50.76 -4.27
C VAL B 29 -11.61 -51.72 -3.34
N SER B 30 -10.34 -51.93 -3.62
CA SER B 30 -9.50 -52.75 -2.78
C SER B 30 -8.75 -51.80 -1.85
N ALA B 31 -8.75 -52.08 -0.56
CA ALA B 31 -7.97 -51.28 0.36
C ALA B 31 -7.02 -52.15 1.16
N PHE B 32 -5.78 -51.66 1.32
CA PHE B 32 -4.78 -52.34 2.12
C PHE B 32 -4.33 -51.34 3.16
N LEU B 33 -4.87 -51.47 4.37
CA LEU B 33 -4.73 -50.43 5.40
C LEU B 33 -3.81 -50.93 6.50
N GLY B 34 -2.98 -50.02 7.02
CA GLY B 34 -2.10 -50.37 8.13
C GLY B 34 -0.92 -51.23 7.75
N ILE B 35 -0.33 -50.98 6.58
CA ILE B 35 0.87 -51.72 6.16
C ILE B 35 2.11 -51.11 6.82
N PRO B 36 2.86 -51.92 7.58
CA PRO B 36 4.05 -51.35 8.24
C PRO B 36 5.16 -51.06 7.24
N PHE B 37 5.73 -49.86 7.26
CA PHE B 37 6.83 -49.56 6.35
C PHE B 37 8.16 -49.38 7.06
N ALA B 38 8.12 -49.37 8.39
CA ALA B 38 9.32 -49.19 9.20
C ALA B 38 9.22 -50.02 10.45
N GLU B 39 10.37 -50.31 11.03
CA GLU B 39 10.43 -50.79 12.40
C GLU B 39 9.82 -49.73 13.30
N PRO B 40 9.00 -50.15 14.28
CA PRO B 40 8.41 -49.21 15.23
C PRO B 40 9.48 -48.32 15.88
N PRO B 41 9.32 -46.99 15.78
CA PRO B 41 10.37 -46.07 16.24
C PRO B 41 10.30 -45.82 17.75
N VAL B 42 10.43 -46.87 18.54
CA VAL B 42 10.20 -46.78 19.98
C VAL B 42 11.44 -47.11 20.80
N GLY B 43 11.40 -46.81 22.10
CA GLY B 43 12.54 -47.06 22.96
C GLY B 43 13.75 -46.28 22.49
N SER B 44 14.84 -46.99 22.23
CA SER B 44 16.08 -46.33 21.80
C SER B 44 15.96 -45.72 20.40
N ARG B 45 14.86 -46.04 19.70
CA ARG B 45 14.65 -45.52 18.35
C ARG B 45 13.88 -44.20 18.32
N ARG B 46 13.45 -43.73 19.49
CA ARG B 46 12.79 -42.43 19.56
C ARG B 46 13.78 -41.33 19.15
N PHE B 47 13.32 -40.41 18.30
CA PHE B 47 14.11 -39.30 17.75
C PHE B 47 15.09 -39.72 16.64
N MET B 48 15.15 -41.02 16.34
CA MET B 48 16.09 -41.57 15.35
CA MET B 48 16.11 -41.48 15.34
C MET B 48 15.46 -41.75 13.98
N PRO B 49 16.29 -41.73 12.91
CA PRO B 49 15.77 -42.03 11.57
C PRO B 49 15.07 -43.38 11.55
N PRO B 50 14.07 -43.55 10.66
CA PRO B 50 13.35 -44.83 10.61
C PRO B 50 14.22 -45.91 9.99
N GLU B 51 14.07 -47.16 10.43
CA GLU B 51 14.69 -48.29 9.74
C GLU B 51 13.60 -49.06 8.99
N PRO B 52 13.95 -49.67 7.85
CA PRO B 52 12.95 -50.45 7.09
C PRO B 52 12.35 -51.60 7.90
N LYS B 53 11.07 -51.90 7.67
CA LYS B 53 10.39 -52.97 8.39
C LYS B 53 11.02 -54.34 8.08
N ARG B 54 11.28 -55.14 9.11
CA ARG B 54 11.78 -56.50 8.90
C ARG B 54 10.66 -57.35 8.29
N PRO B 55 11.03 -58.36 7.47
CA PRO B 55 10.03 -59.23 6.83
C PRO B 55 9.19 -59.98 7.86
N TRP B 56 7.98 -60.40 7.48
CA TRP B 56 7.09 -61.09 8.40
C TRP B 56 6.58 -62.40 7.81
N SER B 57 6.23 -63.34 8.68
CA SER B 57 5.73 -64.65 8.29
C SER B 57 4.22 -64.61 8.04
N GLY B 58 3.72 -65.59 7.29
CA GLY B 58 2.29 -65.74 7.07
C GLY B 58 1.64 -64.57 6.34
N VAL B 59 0.33 -64.42 6.50
CA VAL B 59 -0.39 -63.32 5.87
C VAL B 59 -0.68 -62.21 6.89
N LEU B 60 -0.18 -61.03 6.60
CA LEU B 60 -0.35 -59.88 7.50
C LEU B 60 -1.70 -59.21 7.27
N ASP B 61 -2.46 -59.01 8.34
CA ASP B 61 -3.79 -58.43 8.23
C ASP B 61 -3.75 -56.93 7.93
N ALA B 62 -4.11 -56.55 6.71
CA ALA B 62 -4.15 -55.14 6.33
C ALA B 62 -5.57 -54.71 5.98
N THR B 63 -6.50 -54.98 6.90
CA THR B 63 -7.90 -54.68 6.66
C THR B 63 -8.35 -53.47 7.47
N THR B 64 -7.46 -52.94 8.31
CA THR B 64 -7.85 -51.85 9.21
C THR B 64 -6.76 -50.79 9.42
N PHE B 65 -7.17 -49.55 9.68
CA PHE B 65 -6.20 -48.47 9.93
C PHE B 65 -5.40 -48.75 11.21
N GLN B 66 -4.13 -48.42 11.18
CA GLN B 66 -3.27 -48.60 12.35
C GLN B 66 -3.29 -47.37 13.25
N ASN B 67 -2.52 -47.42 14.34
CA ASN B 67 -2.47 -46.31 15.31
C ASN B 67 -2.02 -44.98 14.70
N VAL B 68 -2.48 -43.88 15.29
CA VAL B 68 -2.09 -42.53 14.91
C VAL B 68 -0.81 -42.20 15.68
N CYS B 69 0.13 -41.52 15.03
CA CYS B 69 1.39 -41.15 15.70
C CYS B 69 1.11 -40.28 16.91
N TYR B 70 1.85 -40.53 18.00
CA TYR B 70 1.54 -39.86 19.26
C TYR B 70 1.60 -38.34 19.09
N GLN B 71 0.56 -37.65 19.57
CA GLN B 71 0.44 -36.22 19.28
C GLN B 71 -0.45 -35.46 20.26
N TYR B 72 -0.21 -34.16 20.35
CA TYR B 72 -1.11 -33.23 21.03
C TYR B 72 -2.48 -33.29 20.37
N VAL B 73 -3.52 -33.35 21.19
CA VAL B 73 -4.90 -33.37 20.71
C VAL B 73 -5.60 -32.04 21.02
N ASP B 74 -6.27 -31.47 20.01
CA ASP B 74 -6.93 -30.18 20.13
C ASP B 74 -8.12 -30.17 21.10
N THR B 75 -8.13 -29.20 22.01
CA THR B 75 -9.15 -29.10 23.06
C THR B 75 -10.21 -28.05 22.73
N LEU B 76 -9.97 -27.28 21.68
CA LEU B 76 -10.73 -26.05 21.43
C LEU B 76 -12.24 -26.12 21.60
N TYR B 77 -12.91 -26.84 20.72
CA TYR B 77 -14.36 -26.98 20.80
C TYR B 77 -14.73 -28.46 20.85
N PRO B 78 -14.68 -29.05 22.06
CA PRO B 78 -14.96 -30.48 22.26
C PRO B 78 -16.29 -30.90 21.66
N GLY B 79 -16.30 -31.99 20.89
CA GLY B 79 -17.52 -32.50 20.30
C GLY B 79 -18.01 -31.78 19.05
N PHE B 80 -17.36 -30.67 18.70
CA PHE B 80 -17.72 -29.90 17.51
C PHE B 80 -17.11 -30.54 16.27
N GLU B 81 -17.91 -30.78 15.24
CA GLU B 81 -17.44 -31.48 14.05
C GLU B 81 -16.33 -30.74 13.31
N GLY B 82 -16.40 -29.41 13.32
CA GLY B 82 -15.40 -28.58 12.65
C GLY B 82 -13.98 -28.79 13.15
N THR B 83 -13.85 -29.12 14.44
CA THR B 83 -12.55 -29.41 15.02
C THR B 83 -12.26 -30.92 15.10
N GLU B 84 -13.27 -31.70 15.50
CA GLU B 84 -13.08 -33.14 15.72
C GLU B 84 -12.71 -33.88 14.43
N MET B 85 -13.10 -33.33 13.29
CA MET B 85 -12.77 -33.95 11.99
C MET B 85 -11.26 -34.02 11.75
N TRP B 86 -10.49 -33.24 12.51
CA TRP B 86 -9.05 -33.22 12.39
C TRP B 86 -8.32 -33.99 13.49
N ASN B 87 -9.05 -34.37 14.55
CA ASN B 87 -8.48 -35.10 15.68
C ASN B 87 -8.26 -36.57 15.34
N PRO B 88 -7.32 -37.23 16.05
CA PRO B 88 -7.03 -38.66 15.83
C PRO B 88 -8.30 -39.51 15.93
N ASN B 89 -8.51 -40.41 14.97
CA ASN B 89 -9.68 -41.28 15.01
C ASN B 89 -9.30 -42.73 15.27
N ARG B 90 -8.05 -42.94 15.67
CA ARG B 90 -7.56 -44.22 16.17
C ARG B 90 -6.66 -43.94 17.37
N GLU B 91 -6.29 -44.98 18.10
CA GLU B 91 -5.48 -44.81 19.30
C GLU B 91 -4.10 -44.20 19.00
N LEU B 92 -3.60 -43.40 19.94
CA LEU B 92 -2.29 -42.77 19.82
C LEU B 92 -1.22 -43.80 20.17
N SER B 93 -0.13 -43.81 19.42
CA SER B 93 0.99 -44.69 19.76
C SER B 93 2.27 -44.17 19.11
N GLU B 94 3.41 -44.41 19.74
CA GLU B 94 4.67 -44.09 19.06
C GLU B 94 4.92 -45.12 17.96
N ASP B 95 4.30 -46.28 18.11
CA ASP B 95 4.32 -47.34 17.11
C ASP B 95 3.27 -46.99 16.06
N CYS B 96 3.66 -46.19 15.06
CA CYS B 96 2.67 -45.63 14.13
C CYS B 96 3.12 -45.58 12.68
N LEU B 97 4.26 -46.18 12.36
CA LEU B 97 4.79 -46.03 11.00
C LEU B 97 4.15 -47.04 10.02
N TYR B 98 2.94 -46.71 9.59
CA TYR B 98 2.16 -47.57 8.70
C TYR B 98 1.63 -46.74 7.56
N LEU B 99 1.45 -47.37 6.40
CA LEU B 99 0.86 -46.67 5.27
C LEU B 99 -0.39 -47.40 4.75
N ASN B 100 -1.13 -46.72 3.87
CA ASN B 100 -2.38 -47.26 3.33
C ASN B 100 -2.40 -47.18 1.82
N VAL B 101 -3.02 -48.17 1.18
CA VAL B 101 -3.09 -48.22 -0.28
C VAL B 101 -4.54 -48.49 -0.74
N TRP B 102 -5.07 -47.62 -1.60
CA TRP B 102 -6.35 -47.87 -2.26
C TRP B 102 -6.12 -48.09 -3.75
N THR B 103 -6.74 -49.11 -4.31
CA THR B 103 -6.66 -49.38 -5.74
C THR B 103 -8.06 -49.77 -6.23
N PRO B 104 -8.31 -49.63 -7.55
CA PRO B 104 -9.58 -50.16 -8.07
C PRO B 104 -9.71 -51.68 -7.85
N TYR B 105 -10.95 -52.15 -7.81
CA TYR B 105 -11.27 -53.57 -7.73
C TYR B 105 -12.03 -53.92 -9.02
N PRO B 106 -11.48 -54.80 -9.86
CA PRO B 106 -10.24 -55.56 -9.61
C PRO B 106 -8.99 -54.74 -9.87
N ARG B 107 -7.84 -55.25 -9.39
CA ARG B 107 -6.53 -54.65 -9.58
C ARG B 107 -6.33 -54.19 -11.02
N PRO B 108 -5.84 -52.96 -11.23
CA PRO B 108 -5.67 -52.47 -12.61
C PRO B 108 -4.76 -53.37 -13.44
N ALA B 109 -5.10 -53.54 -14.71
CA ALA B 109 -4.38 -54.47 -15.59
C ALA B 109 -3.12 -53.84 -16.19
N SER B 110 -3.16 -52.52 -16.38
CA SER B 110 -1.98 -51.78 -16.79
C SER B 110 -1.47 -50.95 -15.60
N PRO B 111 -0.17 -50.63 -15.59
CA PRO B 111 0.42 -49.80 -14.53
C PRO B 111 -0.23 -48.42 -14.44
N THR B 112 -0.64 -48.05 -13.23
CA THR B 112 -1.48 -46.88 -13.00
C THR B 112 -0.73 -45.78 -12.24
N PRO B 113 -0.92 -44.51 -12.65
CA PRO B 113 -0.30 -43.40 -11.92
C PRO B 113 -0.66 -43.43 -10.45
N VAL B 114 0.33 -43.12 -9.61
CA VAL B 114 0.15 -43.18 -8.16
C VAL B 114 0.08 -41.78 -7.55
N LEU B 115 -0.92 -41.56 -6.70
CA LEU B 115 -0.98 -40.33 -5.90
CA LEU B 115 -0.97 -40.33 -5.91
C LEU B 115 -0.61 -40.64 -4.46
N ILE B 116 0.38 -39.92 -3.92
CA ILE B 116 0.77 -40.12 -2.53
C ILE B 116 0.43 -38.90 -1.68
N TRP B 117 -0.49 -39.09 -0.73
CA TRP B 117 -0.98 -38.03 0.14
C TRP B 117 -0.12 -37.90 1.40
N ILE B 118 0.23 -36.67 1.73
CA ILE B 118 0.96 -36.36 2.96
C ILE B 118 0.12 -35.38 3.78
N TYR B 119 -0.45 -35.83 4.89
CA TYR B 119 -1.33 -34.97 5.67
C TYR B 119 -0.62 -33.77 6.27
N GLY B 120 -1.39 -32.74 6.57
CA GLY B 120 -0.89 -31.59 7.29
C GLY B 120 -1.31 -31.65 8.75
N GLY B 121 -1.14 -30.53 9.45
CA GLY B 121 -1.38 -30.47 10.88
C GLY B 121 -0.23 -29.84 11.63
N GLY B 122 0.41 -28.85 11.01
CA GLY B 122 1.43 -28.06 11.67
C GLY B 122 2.69 -28.80 12.10
N PHE B 123 2.94 -29.99 11.53
CA PHE B 123 4.01 -30.87 12.00
C PHE B 123 3.85 -31.36 13.45
N TYR B 124 2.70 -31.08 14.08
CA TYR B 124 2.44 -31.56 15.45
C TYR B 124 1.26 -32.53 15.55
N SER B 125 0.54 -32.73 14.45
CA SER B 125 -0.68 -33.51 14.49
C SER B 125 -1.00 -34.07 13.11
N GLY B 126 -2.07 -34.85 13.05
CA GLY B 126 -2.55 -35.39 11.78
C GLY B 126 -2.46 -36.89 11.69
N ALA B 127 -3.18 -37.48 10.73
CA ALA B 127 -3.19 -38.93 10.56
C ALA B 127 -3.75 -39.28 9.19
N ALA B 128 -3.25 -40.38 8.60
CA ALA B 128 -3.70 -40.78 7.28
C ALA B 128 -5.05 -41.46 7.33
N SER B 129 -5.54 -41.74 8.54
CA SER B 129 -6.82 -42.43 8.74
C SER B 129 -8.05 -41.51 8.80
N LEU B 130 -7.85 -40.19 8.79
CA LEU B 130 -9.00 -39.26 8.87
C LEU B 130 -9.98 -39.49 7.72
N ASP B 131 -11.28 -39.35 8.00
CA ASP B 131 -12.32 -39.52 6.98
C ASP B 131 -12.14 -38.65 5.72
N VAL B 132 -11.67 -37.41 5.90
CA VAL B 132 -11.49 -36.52 4.75
C VAL B 132 -10.35 -36.97 3.82
N TYR B 133 -9.54 -37.93 4.27
CA TYR B 133 -8.43 -38.41 3.43
C TYR B 133 -8.72 -39.79 2.83
N ASP B 134 -9.99 -40.17 2.83
CA ASP B 134 -10.43 -41.46 2.29
C ASP B 134 -10.17 -41.59 0.79
N GLY B 135 -9.26 -42.47 0.40
CA GLY B 135 -8.87 -42.62 -0.99
C GLY B 135 -9.75 -43.48 -1.87
N ARG B 136 -10.89 -43.94 -1.35
CA ARG B 136 -11.72 -44.85 -2.13
C ARG B 136 -12.37 -44.18 -3.33
N PHE B 137 -12.70 -42.90 -3.21
CA PHE B 137 -13.39 -42.24 -4.31
C PHE B 137 -12.46 -41.99 -5.49
N LEU B 138 -11.23 -41.56 -5.22
CA LEU B 138 -10.24 -41.36 -6.28
C LEU B 138 -9.88 -42.69 -6.97
N ALA B 139 -9.71 -43.74 -6.17
CA ALA B 139 -9.46 -45.08 -6.69
C ALA B 139 -10.59 -45.60 -7.59
N GLN B 140 -11.82 -45.41 -7.15
CA GLN B 140 -12.97 -45.96 -7.87
C GLN B 140 -13.30 -45.15 -9.12
N VAL B 141 -13.43 -43.84 -8.94
CA VAL B 141 -13.90 -42.97 -10.02
C VAL B 141 -12.82 -42.66 -11.05
N GLU B 142 -11.60 -42.41 -10.59
CA GLU B 142 -10.52 -42.07 -11.51
C GLU B 142 -9.57 -43.22 -11.78
N GLY B 143 -9.78 -44.34 -11.10
CA GLY B 143 -8.93 -45.50 -11.29
C GLY B 143 -7.53 -45.30 -10.75
N ALA B 144 -7.37 -44.35 -9.83
CA ALA B 144 -6.05 -44.03 -9.29
C ALA B 144 -5.59 -45.08 -8.27
N VAL B 145 -4.28 -45.25 -8.15
CA VAL B 145 -3.73 -45.92 -6.99
C VAL B 145 -3.32 -44.84 -6.01
N LEU B 146 -3.94 -44.86 -4.82
CA LEU B 146 -3.71 -43.82 -3.82
C LEU B 146 -3.01 -44.38 -2.59
N VAL B 147 -1.95 -43.71 -2.16
CA VAL B 147 -1.17 -44.11 -0.98
C VAL B 147 -1.16 -42.97 0.02
N SER B 148 -1.32 -43.29 1.30
CA SER B 148 -1.07 -42.30 2.35
C SER B 148 -0.29 -42.95 3.49
N MET B 149 0.63 -42.20 4.09
CA MET B 149 1.43 -42.73 5.19
C MET B 149 1.26 -41.94 6.47
N ASN B 150 1.43 -42.61 7.61
CA ASN B 150 1.63 -41.89 8.85
C ASN B 150 3.10 -41.52 8.93
N TYR B 151 3.39 -40.37 9.52
CA TYR B 151 4.77 -39.99 9.78
C TYR B 151 4.80 -39.34 11.15
N ARG B 152 5.93 -39.44 11.84
CA ARG B 152 6.03 -38.87 13.19
C ARG B 152 5.89 -37.35 13.22
N VAL B 153 5.18 -36.86 14.24
CA VAL B 153 4.96 -35.42 14.40
C VAL B 153 5.44 -34.97 15.78
N GLY B 154 5.39 -33.66 16.04
CA GLY B 154 5.80 -33.11 17.34
C GLY B 154 7.25 -33.43 17.67
N THR B 155 7.55 -33.58 18.95
CA THR B 155 8.90 -33.93 19.36
C THR B 155 9.38 -35.24 18.74
N PHE B 156 8.49 -36.22 18.65
CA PHE B 156 8.87 -37.54 18.16
C PHE B 156 9.35 -37.47 16.72
N GLY B 157 8.78 -36.55 15.96
CA GLY B 157 9.17 -36.41 14.56
C GLY B 157 10.19 -35.34 14.31
N PHE B 158 10.25 -34.32 15.17
CA PHE B 158 11.08 -33.14 14.83
C PHE B 158 11.96 -32.53 15.92
N LEU B 159 11.97 -33.11 17.12
CA LEU B 159 12.94 -32.67 18.11
C LEU B 159 14.36 -32.97 17.61
N ALA B 160 15.22 -31.95 17.68
CA ALA B 160 16.55 -32.01 17.06
C ALA B 160 17.62 -31.40 17.95
N LEU B 161 18.70 -32.14 18.21
CA LEU B 161 19.93 -31.51 18.68
C LEU B 161 20.88 -31.58 17.49
N PRO B 162 20.84 -30.56 16.63
CA PRO B 162 21.58 -30.61 15.35
C PRO B 162 23.05 -30.91 15.53
N GLY B 163 23.54 -31.91 14.81
CA GLY B 163 24.91 -32.34 14.94
C GLY B 163 25.05 -33.65 15.71
N SER B 164 24.07 -33.95 16.57
CA SER B 164 24.13 -35.16 17.40
C SER B 164 23.80 -36.40 16.58
N ARG B 165 24.17 -37.57 17.09
CA ARG B 165 23.84 -38.81 16.42
C ARG B 165 22.45 -39.30 16.83
N GLU B 166 22.01 -38.91 18.02
CA GLU B 166 20.80 -39.53 18.59
C GLU B 166 19.51 -38.72 18.38
N ALA B 167 19.65 -37.46 17.97
CA ALA B 167 18.50 -36.65 17.57
C ALA B 167 18.89 -35.68 16.46
N PRO B 168 19.15 -36.19 15.25
CA PRO B 168 19.66 -35.38 14.15
C PRO B 168 18.64 -34.41 13.54
N GLY B 169 17.36 -34.60 13.82
CA GLY B 169 16.33 -33.73 13.27
C GLY B 169 15.71 -34.27 12.00
N ASN B 170 14.52 -33.77 11.65
CA ASN B 170 13.84 -34.13 10.40
C ASN B 170 13.44 -35.61 10.24
N VAL B 171 13.38 -36.36 11.33
CA VAL B 171 13.10 -37.78 11.17
C VAL B 171 11.67 -38.03 10.66
N GLY B 172 10.73 -37.14 10.98
CA GLY B 172 9.39 -37.22 10.40
C GLY B 172 9.42 -37.09 8.89
N LEU B 173 10.33 -36.27 8.36
CA LEU B 173 10.47 -36.19 6.91
C LEU B 173 11.11 -37.47 6.37
N LEU B 174 12.03 -38.04 7.14
CA LEU B 174 12.63 -39.31 6.75
C LEU B 174 11.60 -40.45 6.78
N ASP B 175 10.62 -40.36 7.68
CA ASP B 175 9.52 -41.35 7.64
C ASP B 175 8.81 -41.25 6.29
N GLN B 176 8.52 -40.03 5.86
CA GLN B 176 7.82 -39.83 4.60
C GLN B 176 8.65 -40.41 3.47
N ARG B 177 9.94 -40.14 3.51
CA ARG B 177 10.85 -40.60 2.47
C ARG B 177 10.93 -42.12 2.41
N LEU B 178 10.99 -42.76 3.58
CA LEU B 178 10.98 -44.22 3.64
C LEU B 178 9.69 -44.79 3.03
N ALA B 179 8.57 -44.13 3.28
CA ALA B 179 7.32 -44.56 2.65
C ALA B 179 7.36 -44.40 1.12
N LEU B 180 7.97 -43.31 0.65
CA LEU B 180 8.15 -43.10 -0.81
C LEU B 180 9.02 -44.22 -1.39
N GLN B 181 10.07 -44.59 -0.66
CA GLN B 181 10.95 -45.68 -1.02
CA GLN B 181 10.94 -45.68 -1.07
C GLN B 181 10.16 -46.98 -1.09
N TRP B 182 9.27 -47.16 -0.12
CA TRP B 182 8.45 -48.34 -0.07
C TRP B 182 7.57 -48.41 -1.32
N VAL B 183 7.02 -47.26 -1.73
CA VAL B 183 6.22 -47.23 -2.94
C VAL B 183 7.02 -47.65 -4.18
N GLN B 184 8.21 -47.08 -4.35
CA GLN B 184 9.07 -47.45 -5.48
C GLN B 184 9.28 -48.96 -5.55
N GLU B 185 9.47 -49.59 -4.39
CA GLU B 185 9.83 -51.02 -4.33
C GLU B 185 8.64 -51.95 -4.45
N ASN B 186 7.46 -51.50 -4.03
CA ASN B 186 6.32 -52.41 -3.87
C ASN B 186 5.05 -52.10 -4.65
N ILE B 187 4.88 -50.85 -5.06
CA ILE B 187 3.59 -50.42 -5.61
C ILE B 187 3.17 -51.16 -6.89
N ALA B 188 4.13 -51.65 -7.67
CA ALA B 188 3.77 -52.43 -8.86
C ALA B 188 2.92 -53.66 -8.51
N ALA B 189 3.13 -54.24 -7.34
CA ALA B 189 2.35 -55.39 -6.92
C ALA B 189 0.86 -55.06 -6.76
N PHE B 190 0.52 -53.78 -6.63
CA PHE B 190 -0.86 -53.35 -6.50
C PHE B 190 -1.41 -52.83 -7.82
N GLY B 191 -0.57 -52.85 -8.85
CA GLY B 191 -0.94 -52.26 -10.13
C GLY B 191 -0.56 -50.80 -10.27
N GLY B 192 0.27 -50.30 -9.35
CA GLY B 192 0.72 -48.92 -9.44
C GLY B 192 1.96 -48.81 -10.32
N ASP B 193 2.15 -47.64 -10.94
CA ASP B 193 3.31 -47.38 -11.77
C ASP B 193 4.35 -46.55 -11.00
N PRO B 194 5.45 -47.19 -10.56
CA PRO B 194 6.47 -46.48 -9.78
C PRO B 194 7.20 -45.42 -10.60
N MET B 195 7.00 -45.42 -11.91
CA MET B 195 7.59 -44.39 -12.75
C MET B 195 6.66 -43.19 -12.96
N SER B 196 5.46 -43.24 -12.35
CA SER B 196 4.57 -42.08 -12.32
C SER B 196 4.01 -41.87 -10.93
N VAL B 197 4.75 -41.14 -10.10
CA VAL B 197 4.36 -40.91 -8.73
C VAL B 197 4.19 -39.41 -8.46
N THR B 198 3.01 -39.03 -7.99
CA THR B 198 2.71 -37.63 -7.68
C THR B 198 2.48 -37.44 -6.19
N LEU B 199 3.29 -36.59 -5.56
CA LEU B 199 3.05 -36.26 -4.16
C LEU B 199 1.98 -35.16 -4.11
N PHE B 200 1.01 -35.29 -3.21
CA PHE B 200 0.18 -34.15 -2.86
C PHE B 200 -0.03 -34.03 -1.35
N GLY B 201 -0.19 -32.81 -0.89
CA GLY B 201 -0.37 -32.57 0.54
C GLY B 201 -0.92 -31.18 0.80
N GLU B 202 -1.46 -31.00 2.00
CA GLU B 202 -2.03 -29.71 2.36
C GLU B 202 -1.39 -29.18 3.65
N SER B 203 -1.25 -27.85 3.73
CA SER B 203 -0.64 -27.17 4.88
C SER B 203 0.76 -27.74 5.16
N ALA B 204 1.01 -28.25 6.37
CA ALA B 204 2.31 -28.85 6.67
C ALA B 204 2.63 -30.03 5.73
N GLY B 205 1.58 -30.70 5.24
CA GLY B 205 1.76 -31.72 4.23
C GLY B 205 2.33 -31.11 2.94
N ALA B 206 1.84 -29.92 2.58
CA ALA B 206 2.33 -29.25 1.37
C ALA B 206 3.78 -28.80 1.59
N ALA B 207 4.05 -28.25 2.76
CA ALA B 207 5.42 -27.88 3.12
C ALA B 207 6.34 -29.10 3.03
N SER B 208 5.83 -30.27 3.45
CA SER B 208 6.63 -31.51 3.39
C SER B 208 6.93 -31.85 1.95
N VAL B 209 5.90 -31.82 1.10
CA VAL B 209 6.09 -32.05 -0.34
C VAL B 209 7.16 -31.12 -0.91
N GLY B 210 7.10 -29.85 -0.50
CA GLY B 210 8.10 -28.89 -0.95
C GLY B 210 9.51 -29.25 -0.48
N MET B 211 9.62 -29.81 0.71
CA MET B 211 10.94 -30.22 1.18
C MET B 211 11.49 -31.43 0.45
N HIS B 212 10.62 -32.33 -0.01
CA HIS B 212 11.09 -33.42 -0.84
C HIS B 212 11.54 -32.90 -2.19
N ILE B 213 10.89 -31.83 -2.68
CA ILE B 213 11.36 -31.20 -3.91
C ILE B 213 12.78 -30.64 -3.70
N LEU B 214 13.03 -30.08 -2.52
CA LEU B 214 14.31 -29.43 -2.23
C LEU B 214 15.38 -30.36 -1.68
N SER B 215 15.05 -31.64 -1.51
CA SER B 215 16.02 -32.58 -0.94
C SER B 215 16.41 -33.68 -1.93
N LEU B 216 17.66 -33.66 -2.36
CA LEU B 216 18.16 -34.52 -3.43
C LEU B 216 17.81 -36.01 -3.32
N PRO B 217 18.05 -36.64 -2.14
CA PRO B 217 17.72 -38.07 -2.07
C PRO B 217 16.22 -38.37 -2.31
N SER B 218 15.34 -37.39 -2.13
CA SER B 218 13.92 -37.58 -2.38
C SER B 218 13.56 -37.56 -3.85
N ARG B 219 14.41 -36.91 -4.66
CA ARG B 219 14.05 -36.56 -6.03
C ARG B 219 13.92 -37.75 -6.97
N SER B 220 14.52 -38.88 -6.62
CA SER B 220 14.35 -40.08 -7.42
C SER B 220 13.05 -40.83 -7.08
N LEU B 221 12.30 -40.32 -6.11
CA LEU B 221 11.17 -41.07 -5.55
C LEU B 221 9.79 -40.57 -6.00
N PHE B 222 9.77 -39.53 -6.83
CA PHE B 222 8.50 -39.01 -7.35
C PHE B 222 8.77 -38.16 -8.57
N HIS B 223 7.70 -37.77 -9.29
CA HIS B 223 7.87 -37.12 -10.59
C HIS B 223 7.15 -35.78 -10.71
N ARG B 224 6.16 -35.56 -9.85
CA ARG B 224 5.35 -34.34 -9.88
C ARG B 224 4.85 -34.06 -8.47
N ALA B 225 4.43 -32.83 -8.19
CA ALA B 225 4.02 -32.45 -6.84
C ALA B 225 2.85 -31.48 -6.85
N VAL B 226 1.98 -31.63 -5.85
CA VAL B 226 0.90 -30.68 -5.61
C VAL B 226 1.05 -30.10 -4.21
N LEU B 227 1.09 -28.78 -4.10
CA LEU B 227 1.18 -28.13 -2.79
C LEU B 227 -0.09 -27.31 -2.53
N GLN B 228 -0.93 -27.79 -1.63
CA GLN B 228 -2.16 -27.10 -1.30
C GLN B 228 -1.98 -26.30 0.00
N SER B 229 -2.08 -24.97 -0.11
CA SER B 229 -2.06 -24.09 1.06
C SER B 229 -0.87 -24.31 2.00
N GLY B 230 0.33 -24.45 1.45
CA GLY B 230 1.51 -24.62 2.28
C GLY B 230 2.77 -24.69 1.44
N THR B 231 3.91 -24.37 2.03
CA THR B 231 5.17 -24.25 1.28
C THR B 231 6.33 -24.50 2.22
N PRO B 232 7.48 -24.92 1.68
CA PRO B 232 8.65 -25.12 2.56
C PRO B 232 9.28 -23.79 2.94
N ASN B 233 9.20 -22.79 2.06
CA ASN B 233 9.67 -21.45 2.40
C ASN B 233 8.61 -20.86 3.32
N GLY B 234 8.87 -19.69 3.86
CA GLY B 234 7.87 -19.05 4.69
C GLY B 234 8.21 -19.13 6.17
N PRO B 235 7.38 -18.47 7.00
CA PRO B 235 7.74 -18.17 8.39
C PRO B 235 7.59 -19.33 9.39
N TRP B 236 6.85 -20.39 9.07
CA TRP B 236 6.55 -21.43 10.07
C TRP B 236 7.12 -22.82 9.76
N ALA B 237 7.46 -23.08 8.49
CA ALA B 237 7.73 -24.48 8.10
C ALA B 237 9.11 -25.01 8.47
N THR B 238 10.06 -24.10 8.75
CA THR B 238 11.41 -24.48 9.17
C THR B 238 11.91 -23.65 10.34
N VAL B 239 12.93 -24.17 11.04
CA VAL B 239 13.68 -23.40 12.02
C VAL B 239 15.17 -23.59 11.76
N SER B 240 15.97 -22.63 12.22
CA SER B 240 17.41 -22.74 12.15
C SER B 240 17.88 -23.83 13.11
N ALA B 241 19.11 -24.30 12.93
CA ALA B 241 19.67 -25.31 13.84
C ALA B 241 19.75 -24.78 15.27
N GLY B 242 20.09 -23.50 15.40
CA GLY B 242 20.23 -22.88 16.71
C GLY B 242 18.92 -22.80 17.45
N GLU B 243 17.86 -22.43 16.75
CA GLU B 243 16.55 -22.34 17.37
C GLU B 243 16.02 -23.74 17.72
N ALA B 244 16.23 -24.70 16.83
CA ALA B 244 15.89 -26.09 17.13
C ALA B 244 16.60 -26.57 18.41
N ARG B 245 17.89 -26.28 18.51
CA ARG B 245 18.66 -26.70 19.68
C ARG B 245 18.16 -26.02 20.94
N ARG B 246 17.88 -24.72 20.85
CA ARG B 246 17.29 -24.00 21.97
C ARG B 246 15.98 -24.64 22.44
N ARG B 247 15.09 -24.94 21.49
CA ARG B 247 13.79 -25.52 21.84
C ARG B 247 13.88 -26.92 22.46
N ALA B 248 14.76 -27.76 21.93
CA ALA B 248 14.90 -29.11 22.49
C ALA B 248 15.52 -29.05 23.90
N THR B 249 16.51 -28.19 24.05
CA THR B 249 17.17 -27.97 25.33
C THR B 249 16.18 -27.45 26.36
N LEU B 250 15.34 -26.49 25.97
CA LEU B 250 14.30 -26.00 26.88
C LEU B 250 13.28 -27.08 27.24
N LEU B 251 12.85 -27.87 26.26
CA LEU B 251 11.90 -28.95 26.55
C LEU B 251 12.47 -29.96 27.54
N ALA B 252 13.75 -30.28 27.39
CA ALA B 252 14.39 -31.24 28.29
C ALA B 252 14.47 -30.69 29.69
N ARG B 253 14.76 -29.39 29.80
CA ARG B 253 14.75 -28.73 31.10
C ARG B 253 13.37 -28.88 31.75
N LEU B 254 12.32 -28.61 30.98
CA LEU B 254 10.94 -28.63 31.49
C LEU B 254 10.48 -30.01 31.97
N VAL B 255 11.06 -31.08 31.42
CA VAL B 255 10.71 -32.42 31.85
C VAL B 255 11.73 -33.05 32.81
N GLY B 256 12.77 -32.28 33.18
CA GLY B 256 13.71 -32.73 34.20
C GLY B 256 15.01 -33.34 33.71
N CYS B 257 15.40 -33.01 32.48
CA CYS B 257 16.64 -33.53 31.90
C CYS B 257 17.69 -32.43 31.74
N ASN B 265 25.84 -32.12 27.43
CA ASN B 265 26.13 -33.28 26.58
C ASN B 265 24.88 -33.83 25.89
N ASP B 266 24.91 -33.86 24.55
CA ASP B 266 23.76 -34.29 23.74
C ASP B 266 23.26 -35.69 24.12
N THR B 267 24.18 -36.64 24.20
CA THR B 267 23.85 -38.04 24.48
C THR B 267 23.07 -38.22 25.77
N GLU B 268 23.56 -37.61 26.85
CA GLU B 268 22.91 -37.75 28.14
C GLU B 268 21.54 -37.07 28.14
N LEU B 269 21.48 -35.88 27.55
CA LEU B 269 20.21 -35.16 27.43
C LEU B 269 19.17 -36.03 26.69
N ILE B 270 19.56 -36.61 25.56
CA ILE B 270 18.62 -37.38 24.75
C ILE B 270 18.28 -38.72 25.40
N ALA B 271 19.25 -39.33 26.08
CA ALA B 271 18.98 -40.60 26.78
C ALA B 271 17.87 -40.40 27.81
N CYS B 272 17.98 -39.31 28.58
CA CYS B 272 16.96 -38.95 29.55
C CYS B 272 15.58 -38.68 28.91
N LEU B 273 15.54 -37.91 27.82
CA LEU B 273 14.26 -37.67 27.11
C LEU B 273 13.61 -38.98 26.66
N ARG B 274 14.43 -39.94 26.25
CA ARG B 274 13.93 -41.25 25.82
C ARG B 274 13.29 -42.08 26.96
N THR B 275 13.55 -41.71 28.21
CA THR B 275 12.97 -42.43 29.34
C THR B 275 11.59 -41.87 29.69
N ARG B 276 11.28 -40.70 29.16
CA ARG B 276 10.01 -40.04 29.49
C ARG B 276 8.85 -40.65 28.72
N PRO B 277 7.72 -40.90 29.40
CA PRO B 277 6.51 -41.35 28.70
C PRO B 277 6.06 -40.33 27.64
N ALA B 278 5.49 -40.78 26.53
CA ALA B 278 5.14 -39.87 25.43
C ALA B 278 4.35 -38.63 25.86
N GLN B 279 3.34 -38.82 26.70
CA GLN B 279 2.48 -37.69 27.10
C GLN B 279 3.22 -36.61 27.90
N ASP B 280 4.31 -36.96 28.57
CA ASP B 280 5.09 -35.94 29.29
C ASP B 280 5.78 -34.97 28.32
N LEU B 281 6.24 -35.48 27.19
CA LEU B 281 6.84 -34.62 26.17
C LEU B 281 5.76 -33.69 25.62
N VAL B 282 4.65 -34.29 25.19
CA VAL B 282 3.52 -33.53 24.67
C VAL B 282 3.02 -32.46 25.66
N ASP B 283 3.07 -32.76 26.95
CA ASP B 283 2.62 -31.82 28.00
C ASP B 283 3.34 -30.47 27.97
N HIS B 284 4.57 -30.45 27.49
CA HIS B 284 5.38 -29.22 27.50
C HIS B 284 5.75 -28.73 26.11
N GLU B 285 5.21 -29.41 25.09
CA GLU B 285 5.50 -29.12 23.69
C GLU B 285 5.24 -27.66 23.35
N TRP B 286 4.17 -27.10 23.90
CA TRP B 286 3.76 -25.75 23.56
C TRP B 286 4.40 -24.66 24.41
N HIS B 287 5.34 -25.03 25.27
CA HIS B 287 5.95 -24.06 26.18
C HIS B 287 7.33 -23.61 25.72
N VAL B 288 7.72 -23.98 24.50
CA VAL B 288 9.06 -23.65 24.04
C VAL B 288 9.13 -22.56 22.96
N LEU B 289 7.96 -22.08 22.51
CA LEU B 289 7.92 -21.00 21.51
C LEU B 289 8.48 -19.70 22.09
N PRO B 290 9.25 -18.96 21.28
CA PRO B 290 9.95 -17.77 21.78
C PRO B 290 9.02 -16.57 22.03
N GLN B 291 7.90 -16.49 21.30
CA GLN B 291 6.92 -15.43 21.53
C GLN B 291 5.52 -15.99 21.59
N GLU B 292 4.60 -15.24 22.20
CA GLU B 292 3.18 -15.55 22.06
C GLU B 292 2.89 -15.39 20.57
N SER B 293 2.22 -16.36 19.96
CA SER B 293 2.04 -16.34 18.51
C SER B 293 0.93 -17.28 18.07
N ILE B 294 0.53 -17.16 16.81
CA ILE B 294 -0.31 -18.19 16.20
C ILE B 294 0.33 -18.56 14.86
N PHE B 295 -0.03 -19.73 14.33
CA PHE B 295 0.58 -20.26 13.12
C PHE B 295 2.10 -20.39 13.29
N ARG B 296 2.51 -20.76 14.49
CA ARG B 296 3.91 -21.10 14.80
C ARG B 296 3.90 -22.43 15.56
N PHE B 297 4.84 -23.31 15.25
CA PHE B 297 4.81 -24.65 15.81
C PHE B 297 6.16 -25.01 16.38
N SER B 298 6.16 -25.65 17.55
CA SER B 298 7.39 -25.88 18.31
C SER B 298 8.43 -26.73 17.61
N PHE B 299 8.00 -27.87 17.06
CA PHE B 299 8.95 -28.79 16.45
C PHE B 299 8.60 -29.07 14.99
N VAL B 300 9.39 -28.47 14.10
CA VAL B 300 9.16 -28.49 12.66
C VAL B 300 10.49 -28.85 11.99
N PRO B 301 10.49 -29.09 10.66
CA PRO B 301 11.75 -29.38 9.97
C PRO B 301 12.88 -28.38 10.29
N VAL B 302 14.10 -28.88 10.40
CA VAL B 302 15.23 -28.02 10.79
C VAL B 302 16.20 -27.87 9.62
N VAL B 303 16.71 -26.65 9.42
CA VAL B 303 17.75 -26.45 8.40
C VAL B 303 19.05 -27.07 8.94
N ASP B 304 19.29 -28.33 8.59
CA ASP B 304 20.36 -29.12 9.22
C ASP B 304 21.65 -29.16 8.43
N GLY B 305 21.62 -28.71 7.17
CA GLY B 305 22.75 -28.87 6.28
C GLY B 305 22.78 -30.28 5.71
N ASP B 306 21.76 -31.08 6.02
CA ASP B 306 21.68 -32.47 5.58
C ASP B 306 20.43 -32.71 4.71
N PHE B 307 19.28 -33.03 5.32
CA PHE B 307 18.03 -33.13 4.56
C PHE B 307 17.85 -31.84 3.77
N LEU B 308 18.02 -30.71 4.46
CA LEU B 308 18.01 -29.39 3.84
C LEU B 308 19.41 -28.81 3.86
N SER B 309 20.04 -28.72 2.68
CA SER B 309 21.41 -28.20 2.57
C SER B 309 21.52 -26.71 2.92
N ASP B 310 20.43 -25.97 2.75
CA ASP B 310 20.37 -24.55 3.09
C ASP B 310 18.90 -24.23 3.38
N THR B 311 18.59 -22.98 3.71
CA THR B 311 17.21 -22.55 3.90
C THR B 311 16.42 -22.78 2.63
N PRO B 312 15.12 -23.10 2.77
CA PRO B 312 14.27 -23.25 1.58
C PRO B 312 14.33 -22.02 0.68
N GLU B 313 14.34 -20.82 1.28
CA GLU B 313 14.42 -19.59 0.48
C GLU B 313 15.67 -19.58 -0.40
N ALA B 314 16.82 -19.93 0.17
CA ALA B 314 18.05 -20.00 -0.59
C ALA B 314 17.96 -21.05 -1.70
N LEU B 315 17.34 -22.19 -1.39
CA LEU B 315 17.26 -23.31 -2.33
C LEU B 315 16.29 -23.06 -3.48
N ILE B 316 15.17 -22.41 -3.23
CA ILE B 316 14.24 -22.10 -4.31
C ILE B 316 14.77 -20.94 -5.17
N ASN B 317 15.67 -20.14 -4.61
CA ASN B 317 16.26 -19.01 -5.35
C ASN B 317 17.26 -19.49 -6.40
N THR B 318 17.98 -20.56 -6.07
CA THR B 318 19.12 -20.97 -6.88
C THR B 318 18.92 -22.31 -7.58
N GLY B 319 17.92 -23.07 -7.16
CA GLY B 319 17.68 -24.38 -7.74
C GLY B 319 17.41 -24.37 -9.24
N ASP B 320 17.69 -25.49 -9.89
CA ASP B 320 17.26 -25.70 -11.27
C ASP B 320 16.08 -26.65 -11.29
N PHE B 321 14.92 -26.13 -11.67
CA PHE B 321 13.69 -26.92 -11.55
C PHE B 321 13.08 -27.25 -12.92
N GLN B 322 13.95 -27.45 -13.91
CA GLN B 322 13.55 -27.70 -15.29
C GLN B 322 12.54 -28.83 -15.50
N ASP B 323 12.82 -30.00 -14.94
CA ASP B 323 11.96 -31.15 -15.21
C ASP B 323 10.87 -31.37 -14.15
N LEU B 324 10.54 -30.29 -13.45
CA LEU B 324 9.52 -30.34 -12.41
C LEU B 324 8.17 -29.78 -12.91
N GLN B 325 7.09 -30.50 -12.62
CA GLN B 325 5.74 -29.97 -12.79
C GLN B 325 5.08 -29.87 -11.44
N VAL B 326 4.49 -28.70 -11.16
CA VAL B 326 3.91 -28.43 -9.85
C VAL B 326 2.55 -27.78 -9.99
N LEU B 327 1.64 -28.20 -9.12
CA LEU B 327 0.33 -27.59 -8.99
C LEU B 327 0.27 -27.01 -7.58
N VAL B 328 -0.01 -25.70 -7.46
CA VAL B 328 -0.04 -25.04 -6.15
CA VAL B 328 -0.02 -25.03 -6.18
C VAL B 328 -1.26 -24.15 -6.04
N GLY B 329 -1.73 -23.94 -4.80
CA GLY B 329 -2.86 -23.06 -4.62
C GLY B 329 -3.23 -22.80 -3.18
N VAL B 330 -4.27 -21.99 -3.02
CA VAL B 330 -4.72 -21.51 -1.73
C VAL B 330 -6.25 -21.55 -1.68
N VAL B 331 -6.82 -21.49 -0.49
CA VAL B 331 -8.25 -21.32 -0.35
C VAL B 331 -8.53 -19.84 -0.17
N LYS B 332 -9.79 -19.45 -0.32
CA LYS B 332 -10.16 -18.03 -0.31
C LYS B 332 -9.87 -17.35 1.04
N ASP B 333 -10.02 -18.07 2.15
CA ASP B 333 -9.85 -17.46 3.45
C ASP B 333 -8.84 -18.18 4.34
N GLU B 334 -7.57 -18.13 3.93
CA GLU B 334 -6.51 -18.89 4.60
C GLU B 334 -6.37 -18.59 6.09
N GLY B 335 -6.66 -17.36 6.52
CA GLY B 335 -6.36 -17.00 7.89
C GLY B 335 -7.48 -17.13 8.92
N SER B 336 -8.71 -17.24 8.45
CA SER B 336 -9.89 -17.12 9.33
C SER B 336 -9.93 -18.17 10.45
N TYR B 337 -9.55 -19.40 10.13
CA TYR B 337 -9.53 -20.49 11.12
C TYR B 337 -8.70 -20.17 12.37
N PHE B 338 -7.63 -19.40 12.22
CA PHE B 338 -6.62 -19.33 13.26
C PHE B 338 -6.85 -18.23 14.28
N LEU B 339 -7.77 -17.33 13.98
CA LEU B 339 -8.07 -16.22 14.88
C LEU B 339 -8.62 -16.67 16.24
N VAL B 340 -9.32 -17.79 16.27
CA VAL B 340 -9.86 -18.30 17.52
C VAL B 340 -8.74 -18.74 18.48
N TYR B 341 -7.58 -19.09 17.91
CA TYR B 341 -6.54 -19.80 18.67
C TYR B 341 -5.57 -18.96 19.47
N GLY B 342 -5.64 -17.64 19.37
CA GLY B 342 -4.74 -16.79 20.12
C GLY B 342 -5.19 -15.35 20.22
N VAL B 343 -5.95 -14.91 19.22
CA VAL B 343 -6.37 -13.51 19.14
C VAL B 343 -7.61 -13.22 19.99
N PRO B 344 -7.47 -12.35 21.00
CA PRO B 344 -8.62 -11.94 21.81
C PRO B 344 -9.72 -11.32 20.94
N GLY B 345 -10.95 -11.77 21.12
CA GLY B 345 -12.09 -11.24 20.38
C GLY B 345 -12.67 -12.16 19.33
N PHE B 346 -11.98 -13.27 19.04
CA PHE B 346 -12.44 -14.18 18.00
C PHE B 346 -13.05 -15.47 18.53
N SER B 347 -14.09 -15.93 17.86
CA SER B 347 -14.90 -17.06 18.29
C SER B 347 -15.71 -17.59 17.10
N LYS B 348 -15.81 -18.91 16.99
CA LYS B 348 -16.72 -19.54 16.04
C LYS B 348 -18.19 -19.30 16.43
N ASP B 349 -18.41 -18.84 17.66
CA ASP B 349 -19.75 -18.78 18.24
C ASP B 349 -20.44 -17.41 18.15
N ASN B 350 -19.67 -16.35 17.88
CA ASN B 350 -20.26 -15.07 17.48
C ASN B 350 -19.61 -14.58 16.18
N GLU B 351 -19.95 -13.36 15.74
CA GLU B 351 -19.42 -12.87 14.47
C GLU B 351 -18.04 -12.24 14.60
N SER B 352 -17.50 -12.30 15.82
CA SER B 352 -16.12 -11.93 16.10
C SER B 352 -15.74 -10.57 15.54
N LEU B 353 -16.68 -9.62 15.57
CA LEU B 353 -16.37 -8.25 15.22
C LEU B 353 -15.40 -7.74 16.26
N ILE B 354 -14.25 -7.24 15.81
CA ILE B 354 -13.22 -6.80 16.74
C ILE B 354 -13.00 -5.30 16.70
N SER B 355 -12.35 -4.78 17.74
CA SER B 355 -12.02 -3.37 17.81
C SER B 355 -10.66 -3.12 17.19
N ARG B 356 -10.30 -1.85 17.09
CA ARG B 356 -9.00 -1.49 16.53
C ARG B 356 -7.84 -1.96 17.41
N ALA B 357 -7.95 -1.75 18.71
CA ALA B 357 -6.92 -2.19 19.65
C ALA B 357 -6.72 -3.69 19.59
N GLN B 358 -7.79 -4.44 19.38
CA GLN B 358 -7.72 -5.89 19.25
C GLN B 358 -7.03 -6.26 17.94
N PHE B 359 -7.21 -5.41 16.93
CA PHE B 359 -6.54 -5.61 15.66
C PHE B 359 -5.04 -5.40 15.81
N LEU B 360 -4.65 -4.29 16.43
CA LEU B 360 -3.23 -4.02 16.68
C LEU B 360 -2.58 -5.14 17.51
N ALA B 361 -3.28 -5.62 18.54
CA ALA B 361 -2.77 -6.71 19.36
C ALA B 361 -2.72 -8.01 18.56
N GLY B 362 -3.74 -8.23 17.74
CA GLY B 362 -3.78 -9.41 16.87
C GLY B 362 -2.57 -9.49 15.95
N VAL B 363 -2.14 -8.34 15.45
CA VAL B 363 -1.02 -8.28 14.51
C VAL B 363 0.31 -8.66 15.17
N ARG B 364 0.50 -8.28 16.43
CA ARG B 364 1.72 -8.67 17.15
C ARG B 364 1.76 -10.17 17.35
N ILE B 365 0.58 -10.77 17.54
CA ILE B 365 0.47 -12.23 17.70
C ILE B 365 0.64 -12.94 16.37
N GLY B 366 0.05 -12.40 15.31
CA GLY B 366 0.08 -13.02 14.00
C GLY B 366 1.39 -12.84 13.28
N VAL B 367 2.15 -11.83 13.69
CA VAL B 367 3.46 -11.59 13.10
C VAL B 367 4.46 -11.44 14.24
N PRO B 368 4.73 -12.55 14.96
CA PRO B 368 5.46 -12.46 16.24
C PRO B 368 6.90 -12.01 16.08
N GLN B 369 7.48 -12.15 14.89
CA GLN B 369 8.84 -11.69 14.64
C GLN B 369 8.92 -10.21 14.31
N ALA B 370 7.78 -9.56 14.18
CA ALA B 370 7.77 -8.15 13.76
C ALA B 370 8.23 -7.21 14.86
N SER B 371 9.14 -6.30 14.51
CA SER B 371 9.48 -5.16 15.34
C SER B 371 8.27 -4.24 15.42
N ASP B 372 8.34 -3.24 16.30
CA ASP B 372 7.27 -2.27 16.40
C ASP B 372 6.99 -1.60 15.05
N LEU B 373 8.07 -1.24 14.34
CA LEU B 373 7.94 -0.54 13.07
C LEU B 373 7.38 -1.45 11.97
N ALA B 374 7.84 -2.70 11.95
CA ALA B 374 7.31 -3.68 11.00
C ALA B 374 5.83 -3.92 11.26
N ALA B 375 5.46 -4.03 12.54
CA ALA B 375 4.08 -4.25 12.93
C ALA B 375 3.20 -3.07 12.51
N GLU B 376 3.72 -1.85 12.63
CA GLU B 376 2.99 -0.67 12.17
C GLU B 376 2.84 -0.68 10.65
N ALA B 377 3.89 -1.10 9.93
CA ALA B 377 3.76 -1.23 8.48
C ALA B 377 2.58 -2.16 8.14
N VAL B 378 2.47 -3.27 8.86
CA VAL B 378 1.41 -4.24 8.57
C VAL B 378 0.05 -3.61 8.85
N VAL B 379 -0.06 -2.99 10.02
CA VAL B 379 -1.31 -2.33 10.43
C VAL B 379 -1.75 -1.29 9.39
N LEU B 380 -0.81 -0.45 8.97
CA LEU B 380 -1.15 0.65 8.06
C LEU B 380 -1.50 0.13 6.66
N HIS B 381 -0.88 -0.97 6.26
CA HIS B 381 -1.19 -1.60 4.98
C HIS B 381 -2.59 -2.21 4.96
N TYR B 382 -2.96 -2.90 6.05
CA TYR B 382 -4.20 -3.65 6.06
C TYR B 382 -5.42 -2.88 6.57
N THR B 383 -5.19 -1.77 7.27
CA THR B 383 -6.30 -0.89 7.64
C THR B 383 -6.98 -0.34 6.37
N ASP B 384 -8.31 -0.36 6.36
CA ASP B 384 -9.06 0.35 5.33
C ASP B 384 -9.25 1.80 5.80
N TRP B 385 -8.47 2.71 5.24
CA TRP B 385 -8.47 4.10 5.73
C TRP B 385 -9.75 4.90 5.43
N LEU B 386 -10.64 4.34 4.62
CA LEU B 386 -11.98 4.91 4.43
C LEU B 386 -12.85 4.55 5.63
N HIS B 387 -12.59 3.35 6.19
CA HIS B 387 -13.35 2.85 7.35
C HIS B 387 -12.42 2.25 8.41
N PRO B 388 -11.59 3.09 9.06
CA PRO B 388 -10.51 2.59 9.93
C PRO B 388 -10.94 1.86 11.20
N GLU B 389 -12.13 2.16 11.72
CA GLU B 389 -12.56 1.58 12.99
C GLU B 389 -13.68 0.56 12.81
N ASP B 390 -14.06 0.30 11.56
CA ASP B 390 -15.15 -0.63 11.29
C ASP B 390 -14.79 -2.08 11.67
N PRO B 391 -15.55 -2.65 12.60
CA PRO B 391 -15.24 -3.94 13.20
C PRO B 391 -15.26 -5.10 12.21
N THR B 392 -16.14 -5.08 11.22
CA THR B 392 -16.20 -6.20 10.28
C THR B 392 -15.01 -6.14 9.31
N HIS B 393 -14.58 -4.94 8.93
CA HIS B 393 -13.36 -4.86 8.14
C HIS B 393 -12.13 -5.28 8.95
N LEU B 394 -12.05 -4.84 10.20
CA LEU B 394 -10.89 -5.15 11.05
C LEU B 394 -10.76 -6.65 11.26
N ARG B 395 -11.90 -7.31 11.42
CA ARG B 395 -11.97 -8.76 11.56
C ARG B 395 -11.41 -9.41 10.28
N ASP B 396 -11.90 -8.97 9.13
CA ASP B 396 -11.49 -9.54 7.86
C ASP B 396 -10.02 -9.21 7.54
N ALA B 397 -9.56 -8.03 7.98
CA ALA B 397 -8.16 -7.66 7.85
C ALA B 397 -7.26 -8.56 8.69
N MET B 398 -7.71 -8.87 9.90
CA MET B 398 -6.95 -9.74 10.79
C MET B 398 -6.76 -11.09 10.14
N SER B 399 -7.83 -11.60 9.54
CA SER B 399 -7.78 -12.87 8.84
C SER B 399 -6.84 -12.80 7.64
N ALA B 400 -6.91 -11.71 6.88
CA ALA B 400 -6.05 -11.54 5.72
C ALA B 400 -4.58 -11.47 6.12
N VAL B 401 -4.27 -10.79 7.21
CA VAL B 401 -2.89 -10.70 7.69
C VAL B 401 -2.31 -12.09 7.94
N VAL B 402 -3.04 -12.91 8.69
CA VAL B 402 -2.58 -14.24 9.05
C VAL B 402 -2.49 -15.14 7.83
N GLY B 403 -3.48 -15.05 6.95
CA GLY B 403 -3.50 -15.89 5.75
C GLY B 403 -2.46 -15.49 4.70
N ASP B 404 -2.22 -14.18 4.57
CA ASP B 404 -1.28 -13.71 3.56
C ASP B 404 0.14 -13.99 4.02
N HIS B 405 0.42 -13.70 5.29
CA HIS B 405 1.75 -13.87 5.84
C HIS B 405 2.20 -15.34 5.85
N ASN B 406 1.31 -16.23 6.27
CA ASN B 406 1.69 -17.61 6.44
C ASN B 406 1.49 -18.52 5.23
N VAL B 407 0.54 -18.16 4.37
CA VAL B 407 0.20 -19.03 3.24
C VAL B 407 0.23 -18.38 1.85
N VAL B 408 -0.65 -17.38 1.63
CA VAL B 408 -0.82 -16.82 0.28
C VAL B 408 0.48 -16.28 -0.29
N CYS B 409 1.16 -15.42 0.46
CA CYS B 409 2.39 -14.85 -0.07
C CYS B 409 3.60 -15.82 -0.16
N PRO B 410 3.77 -16.72 0.83
CA PRO B 410 4.79 -17.77 0.60
C PRO B 410 4.49 -18.59 -0.67
N VAL B 411 3.22 -18.90 -0.91
CA VAL B 411 2.86 -19.64 -2.11
C VAL B 411 3.17 -18.84 -3.39
N ALA B 412 2.80 -17.56 -3.39
CA ALA B 412 3.07 -16.70 -4.56
C ALA B 412 4.56 -16.64 -4.78
N GLN B 413 5.32 -16.56 -3.69
CA GLN B 413 6.79 -16.53 -3.80
C GLN B 413 7.33 -17.83 -4.42
N LEU B 414 6.89 -18.97 -3.90
CA LEU B 414 7.33 -20.27 -4.41
C LEU B 414 6.98 -20.42 -5.90
N ALA B 415 5.71 -20.18 -6.24
CA ALA B 415 5.25 -20.24 -7.64
C ALA B 415 6.10 -19.39 -8.55
N GLY B 416 6.40 -18.17 -8.12
CA GLY B 416 7.23 -17.27 -8.91
C GLY B 416 8.65 -17.78 -9.09
N ARG B 417 9.28 -18.25 -8.01
CA ARG B 417 10.63 -18.77 -8.08
C ARG B 417 10.70 -20.01 -8.96
N LEU B 418 9.82 -20.98 -8.73
CA LEU B 418 9.81 -22.21 -9.52
C LEU B 418 9.63 -21.94 -11.01
N ALA B 419 8.69 -21.06 -11.35
CA ALA B 419 8.42 -20.73 -12.76
C ALA B 419 9.65 -20.07 -13.39
N ALA B 420 10.28 -19.14 -12.68
CA ALA B 420 11.43 -18.42 -13.21
C ALA B 420 12.63 -19.36 -13.41
N GLN B 421 12.67 -20.44 -12.65
CA GLN B 421 13.79 -21.36 -12.76
C GLN B 421 13.45 -22.67 -13.45
N GLY B 422 12.51 -22.61 -14.41
CA GLY B 422 12.30 -23.72 -15.32
C GLY B 422 11.11 -24.64 -15.08
N ALA B 423 10.52 -24.59 -13.88
CA ALA B 423 9.39 -25.48 -13.59
C ALA B 423 8.15 -25.12 -14.37
N ARG B 424 7.34 -26.13 -14.59
CA ARG B 424 6.00 -25.95 -15.12
C ARG B 424 5.06 -25.82 -13.93
N VAL B 425 4.42 -24.68 -13.79
CA VAL B 425 3.60 -24.40 -12.61
C VAL B 425 2.15 -24.09 -12.98
N TYR B 426 1.21 -24.69 -12.25
CA TYR B 426 -0.21 -24.35 -12.36
C TYR B 426 -0.71 -23.87 -11.01
N ALA B 427 -1.44 -22.77 -10.98
CA ALA B 427 -1.87 -22.18 -9.72
C ALA B 427 -3.39 -22.00 -9.66
N TYR B 428 -3.95 -22.08 -8.45
CA TYR B 428 -5.40 -21.94 -8.28
C TYR B 428 -5.74 -21.18 -7.01
N ILE B 429 -6.93 -20.60 -6.98
CA ILE B 429 -7.55 -20.21 -5.72
C ILE B 429 -8.86 -20.97 -5.60
N PHE B 430 -9.06 -21.63 -4.47
CA PHE B 430 -10.24 -22.43 -4.24
C PHE B 430 -11.28 -21.60 -3.49
N GLU B 431 -12.46 -21.40 -4.08
CA GLU B 431 -13.38 -20.36 -3.59
C GLU B 431 -14.75 -20.88 -3.19
N HIS B 432 -14.96 -22.18 -3.26
CA HIS B 432 -16.28 -22.72 -2.92
C HIS B 432 -16.41 -23.07 -1.44
N ARG B 433 -17.43 -22.53 -0.79
CA ARG B 433 -17.71 -22.86 0.61
C ARG B 433 -18.69 -24.02 0.65
N ALA B 434 -18.28 -25.14 1.24
CA ALA B 434 -19.14 -26.32 1.34
C ALA B 434 -20.48 -25.96 2.00
N SER B 435 -21.57 -26.45 1.42
CA SER B 435 -22.90 -26.23 1.96
C SER B 435 -23.02 -26.87 3.35
N THR B 436 -22.18 -27.88 3.58
CA THR B 436 -22.23 -28.66 4.81
C THR B 436 -21.29 -28.14 5.89
N LEU B 437 -20.59 -27.04 5.58
CA LEU B 437 -19.58 -26.50 6.49
C LEU B 437 -20.20 -26.14 7.86
N THR B 438 -19.54 -26.59 8.93
CA THR B 438 -20.05 -26.40 10.28
C THR B 438 -19.56 -25.09 10.93
N TRP B 439 -18.51 -24.51 10.37
CA TRP B 439 -17.99 -23.24 10.87
C TRP B 439 -18.89 -22.07 10.46
N PRO B 440 -18.83 -20.95 11.18
CA PRO B 440 -19.69 -19.82 10.83
C PRO B 440 -19.37 -19.18 9.48
N LEU B 441 -20.33 -18.42 8.96
CA LEU B 441 -20.24 -17.79 7.64
C LEU B 441 -19.07 -16.82 7.51
N TRP B 442 -18.78 -16.07 8.57
CA TRP B 442 -17.73 -15.07 8.49
C TRP B 442 -16.35 -15.66 8.18
N MET B 443 -16.17 -16.95 8.46
CA MET B 443 -14.88 -17.57 8.19
C MET B 443 -14.67 -17.92 6.72
N GLY B 444 -15.74 -17.86 5.92
CA GLY B 444 -15.64 -18.07 4.48
C GLY B 444 -15.24 -19.48 4.09
N VAL B 445 -14.21 -19.60 3.26
CA VAL B 445 -13.65 -20.90 2.90
C VAL B 445 -12.33 -21.04 3.65
N PRO B 446 -12.35 -21.73 4.79
CA PRO B 446 -11.15 -21.76 5.64
C PRO B 446 -10.10 -22.78 5.18
N HIS B 447 -8.87 -22.58 5.66
CA HIS B 447 -7.75 -23.50 5.53
C HIS B 447 -8.18 -24.94 5.72
N GLY B 448 -7.89 -25.79 4.75
CA GLY B 448 -8.22 -27.20 4.84
C GLY B 448 -9.54 -27.62 4.21
N TYR B 449 -10.39 -26.67 3.81
CA TYR B 449 -11.74 -27.07 3.37
C TYR B 449 -11.94 -27.31 1.87
N GLU B 450 -10.84 -27.38 1.13
CA GLU B 450 -10.86 -27.86 -0.25
C GLU B 450 -10.64 -29.38 -0.26
N ILE B 451 -10.07 -29.91 0.82
CA ILE B 451 -9.63 -31.30 0.86
C ILE B 451 -10.77 -32.30 0.58
N GLU B 452 -11.89 -32.15 1.30
CA GLU B 452 -13.01 -33.05 1.15
C GLU B 452 -13.49 -33.13 -0.32
N PHE B 453 -13.35 -32.02 -1.06
CA PHE B 453 -13.70 -31.99 -2.49
C PHE B 453 -12.71 -32.72 -3.40
N ILE B 454 -11.42 -32.49 -3.18
CA ILE B 454 -10.37 -33.18 -3.95
C ILE B 454 -10.45 -34.70 -3.78
N PHE B 455 -10.74 -35.14 -2.56
CA PHE B 455 -10.83 -36.57 -2.28
C PHE B 455 -12.17 -37.16 -2.71
N GLY B 456 -13.12 -36.30 -3.06
CA GLY B 456 -14.37 -36.74 -3.64
C GLY B 456 -15.47 -37.10 -2.65
N LEU B 457 -15.36 -36.63 -1.41
CA LEU B 457 -16.39 -36.91 -0.39
C LEU B 457 -17.85 -36.59 -0.79
N PRO B 458 -18.08 -35.52 -1.58
CA PRO B 458 -19.47 -35.25 -1.98
C PRO B 458 -20.13 -36.39 -2.76
N LEU B 459 -19.35 -37.37 -3.19
CA LEU B 459 -19.90 -38.50 -3.92
C LEU B 459 -20.63 -39.48 -2.97
N ASP B 460 -20.36 -39.33 -1.67
CA ASP B 460 -21.00 -40.11 -0.62
C ASP B 460 -22.37 -39.52 -0.29
N PRO B 461 -23.45 -40.22 -0.68
CA PRO B 461 -24.81 -39.65 -0.58
C PRO B 461 -25.24 -39.40 0.86
N SER B 462 -24.69 -40.16 1.80
CA SER B 462 -25.01 -39.98 3.21
C SER B 462 -24.48 -38.67 3.82
N LEU B 463 -23.73 -37.90 3.04
CA LEU B 463 -23.14 -36.66 3.55
C LEU B 463 -23.91 -35.40 3.12
N ASN B 464 -24.87 -35.57 2.23
CA ASN B 464 -25.82 -34.51 1.88
C ASN B 464 -25.23 -33.27 1.20
N TYR B 465 -24.17 -33.45 0.41
CA TYR B 465 -23.70 -32.36 -0.43
C TYR B 465 -24.72 -32.17 -1.55
N THR B 466 -24.79 -30.98 -2.13
CA THR B 466 -25.70 -30.70 -3.25
C THR B 466 -25.20 -31.41 -4.51
N THR B 467 -26.05 -31.51 -5.53
CA THR B 467 -25.66 -32.16 -6.77
C THR B 467 -24.60 -31.34 -7.50
N GLU B 468 -24.67 -30.02 -7.37
CA GLU B 468 -23.66 -29.13 -7.95
C GLU B 468 -22.29 -29.41 -7.34
N GLU B 469 -22.26 -29.64 -6.04
CA GLU B 469 -21.04 -29.92 -5.31
C GLU B 469 -20.45 -31.27 -5.71
N ARG B 470 -21.33 -32.22 -6.04
CA ARG B 470 -20.91 -33.54 -6.47
C ARG B 470 -20.24 -33.45 -7.85
N ILE B 471 -20.83 -32.67 -8.73
CA ILE B 471 -20.25 -32.38 -10.05
C ILE B 471 -18.93 -31.60 -9.92
N PHE B 472 -18.90 -30.63 -9.01
CA PHE B 472 -17.70 -29.84 -8.72
C PHE B 472 -16.59 -30.76 -8.23
N ALA B 473 -16.93 -31.67 -7.32
CA ALA B 473 -15.95 -32.62 -6.78
C ALA B 473 -15.33 -33.45 -7.89
N GLN B 474 -16.17 -33.96 -8.79
CA GLN B 474 -15.71 -34.76 -9.91
C GLN B 474 -14.80 -33.95 -10.83
N ARG B 475 -15.12 -32.67 -11.02
CA ARG B 475 -14.26 -31.78 -11.79
C ARG B 475 -12.87 -31.71 -11.17
N LEU B 476 -12.80 -31.55 -9.84
CA LEU B 476 -11.51 -31.40 -9.17
C LEU B 476 -10.69 -32.69 -9.17
N MET B 477 -11.36 -33.83 -8.97
CA MET B 477 -10.70 -35.12 -9.00
C MET B 477 -10.03 -35.33 -10.36
N LYS B 478 -10.70 -34.84 -11.40
CA LYS B 478 -10.20 -34.88 -12.78
C LYS B 478 -8.94 -34.05 -12.98
N TYR B 479 -8.98 -32.78 -12.56
CA TYR B 479 -7.81 -31.90 -12.61
C TYR B 479 -6.62 -32.55 -11.91
N TRP B 480 -6.84 -32.97 -10.67
CA TRP B 480 -5.77 -33.58 -9.85
C TRP B 480 -5.20 -34.84 -10.50
N THR B 481 -6.08 -35.74 -10.96
CA THR B 481 -5.61 -36.98 -11.58
C THR B 481 -5.04 -36.75 -12.98
N ASN B 482 -5.63 -35.84 -13.75
CA ASN B 482 -5.00 -35.44 -15.02
C ASN B 482 -3.60 -34.90 -14.77
N PHE B 483 -3.47 -34.06 -13.75
CA PHE B 483 -2.15 -33.56 -13.38
C PHE B 483 -1.21 -34.71 -13.02
N ALA B 484 -1.69 -35.65 -12.19
CA ALA B 484 -0.89 -36.82 -11.80
C ALA B 484 -0.43 -37.62 -13.03
N ARG B 485 -1.34 -37.80 -13.98
CA ARG B 485 -1.06 -38.58 -15.18
C ARG B 485 -0.07 -37.91 -16.14
N THR B 486 -0.19 -36.58 -16.29
CA THR B 486 0.50 -35.90 -17.39
C THR B 486 1.35 -34.70 -16.98
N GLY B 487 1.15 -34.19 -15.77
CA GLY B 487 1.81 -32.95 -15.37
C GLY B 487 1.06 -31.71 -15.84
N ASP B 488 -0.18 -31.90 -16.25
CA ASP B 488 -1.04 -30.84 -16.79
C ASP B 488 -2.46 -31.17 -16.36
N PRO B 489 -3.14 -30.25 -15.66
CA PRO B 489 -4.48 -30.59 -15.15
C PRO B 489 -5.58 -30.53 -16.20
N ASN B 490 -5.26 -30.01 -17.38
CA ASN B 490 -6.24 -29.90 -18.45
C ASN B 490 -6.59 -31.25 -19.06
N ASP B 491 -7.86 -31.46 -19.38
CA ASP B 491 -8.29 -32.66 -20.11
C ASP B 491 -7.53 -32.83 -21.43
N PRO B 492 -7.01 -34.04 -21.67
CA PRO B 492 -6.19 -34.32 -22.86
C PRO B 492 -6.98 -34.25 -24.15
N ARG B 493 -8.31 -34.39 -24.07
CA ARG B 493 -9.13 -34.40 -25.28
C ARG B 493 -10.51 -33.74 -25.11
N ASP B 494 -10.86 -33.35 -23.89
CA ASP B 494 -12.20 -32.82 -23.64
C ASP B 494 -12.34 -31.31 -23.89
N SER B 495 -11.51 -30.80 -24.80
CA SER B 495 -11.59 -29.43 -25.34
C SER B 495 -12.19 -28.33 -24.44
N LYS B 496 -12.93 -27.42 -25.09
CA LYS B 496 -13.59 -26.30 -24.42
C LYS B 496 -12.64 -25.31 -23.73
N SER B 497 -12.52 -24.12 -24.31
CA SER B 497 -12.02 -22.97 -23.57
C SER B 497 -13.04 -22.73 -22.45
N PRO B 498 -12.56 -22.46 -21.21
CA PRO B 498 -11.20 -22.05 -20.86
C PRO B 498 -10.27 -23.16 -20.33
N GLN B 499 -9.08 -23.20 -20.92
CA GLN B 499 -8.01 -24.06 -20.45
C GLN B 499 -7.37 -23.40 -19.23
N TRP B 500 -6.74 -24.21 -18.39
CA TRP B 500 -5.99 -23.71 -17.24
C TRP B 500 -4.56 -23.45 -17.71
N PRO B 501 -4.15 -22.16 -17.79
CA PRO B 501 -2.81 -21.86 -18.32
C PRO B 501 -1.74 -21.99 -17.24
N PRO B 502 -0.50 -22.33 -17.63
CA PRO B 502 0.61 -22.36 -16.67
C PRO B 502 0.81 -21.00 -16.02
N TYR B 503 1.19 -20.99 -14.75
CA TYR B 503 1.56 -19.77 -14.06
C TYR B 503 2.96 -19.39 -14.54
N THR B 504 3.14 -18.12 -14.91
CA THR B 504 4.45 -17.60 -15.34
C THR B 504 4.75 -16.32 -14.56
N THR B 505 6.02 -15.92 -14.51
CA THR B 505 6.38 -14.67 -13.83
C THR B 505 5.82 -13.45 -14.56
N ALA B 506 5.81 -13.51 -15.89
CA ALA B 506 5.26 -12.43 -16.70
C ALA B 506 3.75 -12.23 -16.48
N ALA B 507 2.95 -13.22 -16.92
CA ALA B 507 1.50 -13.09 -16.88
C ALA B 507 0.89 -13.36 -15.50
N GLN B 508 1.51 -14.26 -14.73
CA GLN B 508 1.04 -14.57 -13.38
C GLN B 508 -0.41 -15.09 -13.37
N GLN B 509 -0.74 -15.94 -14.34
CA GLN B 509 -2.11 -16.46 -14.41
C GLN B 509 -2.36 -17.62 -13.47
N TYR B 510 -3.53 -17.58 -12.84
CA TYR B 510 -4.01 -18.67 -12.00
C TYR B 510 -5.51 -18.79 -12.27
N VAL B 511 -6.16 -19.83 -11.77
CA VAL B 511 -7.59 -19.99 -12.01
C VAL B 511 -8.37 -20.02 -10.71
N SER B 512 -9.64 -19.65 -10.78
CA SER B 512 -10.52 -19.81 -9.62
C SER B 512 -11.22 -21.17 -9.71
N LEU B 513 -11.17 -21.92 -8.61
CA LEU B 513 -11.92 -23.17 -8.52
C LEU B 513 -13.19 -22.93 -7.72
N ASN B 514 -14.33 -22.95 -8.41
CA ASN B 514 -15.62 -22.79 -7.74
C ASN B 514 -16.71 -23.46 -8.58
N LEU B 515 -17.98 -23.15 -8.30
CA LEU B 515 -19.06 -23.83 -9.02
C LEU B 515 -19.15 -23.41 -10.49
N LYS B 516 -18.68 -22.19 -10.81
CA LYS B 516 -18.68 -21.71 -12.20
C LYS B 516 -17.53 -22.35 -12.99
N PRO B 517 -17.55 -22.23 -14.32
CA PRO B 517 -16.39 -22.71 -15.10
C PRO B 517 -15.11 -21.96 -14.73
N LEU B 518 -13.94 -22.59 -14.94
CA LEU B 518 -12.65 -21.97 -14.67
C LEU B 518 -12.62 -20.53 -15.16
N GLU B 519 -12.22 -19.62 -14.30
CA GLU B 519 -11.96 -18.26 -14.75
C GLU B 519 -10.47 -17.95 -14.56
N VAL B 520 -9.83 -17.39 -15.57
CA VAL B 520 -8.41 -17.09 -15.46
C VAL B 520 -8.21 -15.68 -14.86
N ARG B 521 -7.37 -15.58 -13.84
CA ARG B 521 -7.07 -14.28 -13.23
C ARG B 521 -5.57 -14.07 -13.27
N ARG B 522 -5.13 -12.83 -13.09
CA ARG B 522 -3.71 -12.53 -13.15
C ARG B 522 -3.28 -11.86 -11.86
N GLY B 523 -2.18 -12.36 -11.29
CA GLY B 523 -1.63 -11.76 -10.08
C GLY B 523 -2.25 -12.27 -8.81
N LEU B 524 -1.47 -13.08 -8.10
CA LEU B 524 -1.90 -13.65 -6.83
C LEU B 524 -1.59 -12.63 -5.72
N ARG B 525 -2.55 -11.76 -5.42
CA ARG B 525 -2.34 -10.69 -4.43
C ARG B 525 -1.03 -9.95 -4.65
N ALA B 526 -0.80 -9.48 -5.87
CA ALA B 526 0.54 -9.05 -6.27
C ALA B 526 1.09 -7.89 -5.42
N GLN B 527 0.28 -6.84 -5.23
CA GLN B 527 0.71 -5.67 -4.46
C GLN B 527 0.99 -6.04 -3.02
N THR B 528 0.05 -6.76 -2.41
CA THR B 528 0.20 -7.17 -1.01
C THR B 528 1.35 -8.16 -0.83
N CYS B 529 1.56 -9.06 -1.80
CA CYS B 529 2.64 -10.01 -1.64
C CYS B 529 4.01 -9.36 -1.91
N ALA B 530 4.03 -8.29 -2.70
CA ALA B 530 5.27 -7.50 -2.81
C ALA B 530 5.65 -6.90 -1.44
N PHE B 531 4.66 -6.41 -0.71
CA PHE B 531 4.88 -5.97 0.66
C PHE B 531 5.51 -7.06 1.55
N TRP B 532 4.88 -8.23 1.61
CA TRP B 532 5.42 -9.32 2.42
C TRP B 532 6.75 -9.86 1.90
N ASN B 533 6.88 -9.99 0.58
CA ASN B 533 8.01 -10.74 0.02
C ASN B 533 9.24 -9.88 -0.31
N ARG B 534 9.01 -8.59 -0.57
CA ARG B 534 10.09 -7.70 -0.97
C ARG B 534 10.41 -6.65 0.09
N PHE B 535 9.39 -6.00 0.61
CA PHE B 535 9.65 -4.91 1.53
C PHE B 535 9.89 -5.35 2.97
N LEU B 536 8.98 -6.12 3.53
CA LEU B 536 9.10 -6.52 4.93
C LEU B 536 10.46 -7.11 5.36
N PRO B 537 11.05 -8.01 4.54
CA PRO B 537 12.38 -8.52 4.91
C PRO B 537 13.42 -7.42 5.04
N LYS B 538 13.38 -6.42 4.16
CA LYS B 538 14.25 -5.25 4.24
C LYS B 538 14.04 -4.53 5.56
N LEU B 539 12.78 -4.36 5.92
CA LEU B 539 12.43 -3.60 7.11
C LEU B 539 12.91 -4.31 8.35
N LEU B 540 12.72 -5.62 8.40
CA LEU B 540 13.14 -6.43 9.54
C LEU B 540 14.66 -6.47 9.70
N SER B 541 15.37 -6.63 8.59
CA SER B 541 16.84 -6.67 8.59
C SER B 541 17.43 -5.41 9.24
N ALA B 542 16.86 -4.25 8.93
CA ALA B 542 17.36 -2.98 9.44
C ALA B 542 16.53 -2.46 10.61
N THR B 543 16.18 -3.34 11.53
CA THR B 543 15.33 -2.95 12.67
C THR B 543 15.34 -3.97 13.81
#